data_7DWR
#
_entry.id   7DWR
#
_cell.length_a   220.000
_cell.length_b   60.541
_cell.length_c   132.143
_cell.angle_alpha   90.000
_cell.angle_beta   127.010
_cell.angle_gamma   90.000
#
_symmetry.space_group_name_H-M   'C 1 2 1'
#
loop_
_entity.id
_entity.type
_entity.pdbx_description
1 polymer 'SOJ protein (Soj)'
2 polymer "DNA (5'-D(P*AP*GP*GP*GP*TP*GP*TP*TP*CP*CP*AP*CP*GP*TP*GP*AP*AP*AP*CP*AP*GP*GP*GP*A)-3')"
3 polymer "DNA (5'-D(P*TP*CP*CP*CP*TP*GP*TP*TP*TP*CP*AP*CP*GP*TP*GP*GP*AP*AP*CP*AP*CP*CP*CP*T)-3')"
4 non-polymer "ADENOSINE-5'-DIPHOSPHATE"
5 non-polymer 'MAGNESIUM ION'
6 water water
#
loop_
_entity_poly.entity_id
_entity_poly.type
_entity_poly.pdbx_seq_one_letter_code
_entity_poly.pdbx_strand_id
1 'polypeptide(L)'
;MIVTVINQKGGVGKTTTSVNLSYYLSKEKKTGLLDLDPEGGATISYGMKRELKELPLGEKSVNIFNVEVFPAHIGLLKLE
LNGDVEEISNKIKEIGKQFDFLVIDTPPNLGTLAISAMLVADRIVSPVTPQPLALEAIKNLDSRLKSIGKNAYSFTNFSK
KVVKLDNLSSVKFTEITIPPSRLFIEASRLGVPALRYEEVRIKKPKLANYYQQLAKVISE
;
A,B,C,D
2 'polydeoxyribonucleotide'
;(DA)(DG)(DG)(DG)(DT)(DG)(DT)(DT)(DC)(DC)(DA)(DC)(DG)(DT)(DG)(DA)(DA)(DA)(DC)(DA)
(DG)(DG)(DG)(DA)
;
E,G
3 'polydeoxyribonucleotide'
;(DT)(DC)(DC)(DC)(DT)(DG)(DT)(DT)(DT)(DC)(DA)(DC)(DG)(DT)(DG)(DG)(DA)(DA)(DC)(DA)
(DC)(DC)(DC)(DT)
;
F,H
#
loop_
_chem_comp.id
_chem_comp.type
_chem_comp.name
_chem_comp.formula
ADP non-polymer ADENOSINE-5'-DIPHOSPHATE 'C10 H15 N5 O10 P2'
DA DNA linking 2'-DEOXYADENOSINE-5'-MONOPHOSPHATE 'C10 H14 N5 O6 P'
DC DNA linking 2'-DEOXYCYTIDINE-5'-MONOPHOSPHATE 'C9 H14 N3 O7 P'
DG DNA linking 2'-DEOXYGUANOSINE-5'-MONOPHOSPHATE 'C10 H14 N5 O7 P'
DT DNA linking THYMIDINE-5'-MONOPHOSPHATE 'C10 H15 N2 O8 P'
MG non-polymer 'MAGNESIUM ION' 'Mg 2'
#
# COMPACT_ATOMS: atom_id res chain seq x y z
N MET A 1 -16.57 41.61 -0.30
CA MET A 1 -17.44 40.46 -0.64
C MET A 1 -17.77 39.46 0.48
N ILE A 2 -19.05 39.13 0.63
CA ILE A 2 -19.52 38.22 1.68
C ILE A 2 -20.13 36.98 1.05
N VAL A 3 -19.69 35.80 1.51
CA VAL A 3 -20.20 34.52 1.05
C VAL A 3 -20.90 33.83 2.22
N THR A 4 -22.15 33.44 2.01
CA THR A 4 -22.92 32.78 3.07
C THR A 4 -23.32 31.39 2.62
N VAL A 5 -22.90 30.38 3.36
CA VAL A 5 -23.24 29.00 3.08
C VAL A 5 -24.51 28.67 3.85
N ILE A 6 -25.55 28.23 3.13
CA ILE A 6 -26.89 28.10 3.68
C ILE A 6 -27.40 26.68 3.46
N ASN A 7 -28.01 26.11 4.48
CA ASN A 7 -28.71 24.84 4.36
C ASN A 7 -29.51 24.60 5.64
N GLN A 8 -30.65 23.94 5.49
CA GLN A 8 -31.54 23.66 6.62
C GLN A 8 -31.25 22.30 7.25
N LYS A 9 -30.82 21.32 6.48
CA LYS A 9 -30.49 20.00 6.99
C LYS A 9 -28.99 19.93 7.25
N GLY A 10 -28.62 19.51 8.45
CA GLY A 10 -27.22 19.29 8.75
C GLY A 10 -26.68 18.04 8.07
N GLY A 11 -25.36 18.02 7.92
CA GLY A 11 -24.70 16.89 7.31
C GLY A 11 -24.56 16.92 5.81
N VAL A 12 -24.69 18.10 5.18
CA VAL A 12 -24.52 18.21 3.75
C VAL A 12 -23.11 18.66 3.35
N GLY A 13 -22.39 19.35 4.23
CA GLY A 13 -21.08 19.87 3.90
C GLY A 13 -21.00 21.37 4.05
N LYS A 14 -21.91 21.95 4.81
CA LYS A 14 -21.98 23.40 4.99
C LYS A 14 -20.69 23.92 5.65
N THR A 15 -20.37 23.40 6.83
CA THR A 15 -19.11 23.74 7.49
C THR A 15 -17.92 23.37 6.62
N THR A 16 -17.92 22.17 6.03
CA THR A 16 -16.77 21.76 5.23
C THR A 16 -16.54 22.75 4.09
N THR A 17 -17.61 23.16 3.42
CA THR A 17 -17.49 24.16 2.35
C THR A 17 -16.97 25.49 2.90
N SER A 18 -17.58 25.99 3.98
CA SER A 18 -17.14 27.26 4.56
C SER A 18 -15.64 27.25 4.84
N VAL A 19 -15.20 26.23 5.61
CA VAL A 19 -13.80 26.12 6.00
C VAL A 19 -12.89 26.07 4.78
N ASN A 20 -13.15 25.12 3.88
CA ASN A 20 -12.20 24.90 2.80
C ASN A 20 -12.19 26.08 1.82
N LEU A 21 -13.36 26.64 1.51
CA LEU A 21 -13.41 27.77 0.59
C LEU A 21 -12.73 28.99 1.19
N SER A 22 -12.94 29.25 2.47
CA SER A 22 -12.27 30.39 3.10
C SER A 22 -10.75 30.21 3.08
N TYR A 23 -10.29 29.00 3.39
CA TYR A 23 -8.85 28.75 3.34
C TYR A 23 -8.31 28.94 1.92
N TYR A 24 -9.05 28.45 0.92
CA TYR A 24 -8.63 28.65 -0.47
C TYR A 24 -8.53 30.14 -0.81
N LEU A 25 -9.55 30.92 -0.44
CA LEU A 25 -9.51 32.34 -0.72
C LEU A 25 -8.39 33.05 0.03
N SER A 26 -7.90 32.46 1.13
CA SER A 26 -6.79 33.06 1.86
C SER A 26 -5.46 33.01 1.11
N LYS A 27 -5.37 32.27 0.01
CA LYS A 27 -4.08 32.09 -0.66
C LYS A 27 -3.58 33.39 -1.25
N GLU A 28 -4.47 34.18 -1.87
CA GLU A 28 -4.12 35.50 -2.40
C GLU A 28 -4.68 36.65 -1.57
N LYS A 29 -5.90 36.53 -1.08
CA LYS A 29 -6.63 37.67 -0.55
C LYS A 29 -6.87 37.54 0.96
N LYS A 30 -7.12 38.69 1.58
CA LYS A 30 -7.41 38.74 3.00
C LYS A 30 -8.81 38.18 3.26
N THR A 31 -8.89 37.12 4.06
CA THR A 31 -10.11 36.34 4.18
C THR A 31 -10.48 36.15 5.65
N GLY A 32 -11.78 36.19 5.92
CA GLY A 32 -12.28 35.88 7.25
C GLY A 32 -13.36 34.82 7.21
N LEU A 33 -13.46 34.08 8.30
CA LEU A 33 -14.51 33.08 8.47
C LEU A 33 -15.31 33.44 9.72
N LEU A 34 -16.56 33.83 9.52
CA LEU A 34 -17.47 34.17 10.60
C LEU A 34 -18.31 32.94 10.91
N ASP A 35 -18.12 32.38 12.11
CA ASP A 35 -18.88 31.23 12.56
C ASP A 35 -20.10 31.73 13.32
N LEU A 36 -21.28 31.60 12.71
CA LEU A 36 -22.54 31.95 13.34
C LEU A 36 -23.31 30.74 13.86
N ASP A 37 -22.83 29.53 13.60
CA ASP A 37 -23.45 28.35 14.19
C ASP A 37 -23.03 28.25 15.65
N PRO A 38 -23.96 28.27 16.61
CA PRO A 38 -23.57 28.10 18.01
C PRO A 38 -22.84 26.78 18.28
N GLU A 39 -23.03 25.77 17.43
CA GLU A 39 -22.34 24.49 17.64
C GLU A 39 -20.85 24.59 17.32
N GLY A 40 -20.45 25.51 16.46
CA GLY A 40 -19.03 25.75 16.24
C GLY A 40 -18.33 24.78 15.32
N GLY A 41 -19.02 24.25 14.30
CA GLY A 41 -18.39 23.30 13.40
C GLY A 41 -17.10 23.82 12.79
N ALA A 42 -17.16 25.02 12.17
CA ALA A 42 -15.96 25.58 11.55
C ALA A 42 -14.90 25.89 12.60
N THR A 43 -15.32 26.39 13.77
CA THR A 43 -14.40 26.65 14.87
C THR A 43 -13.60 25.39 15.22
N ILE A 44 -14.29 24.27 15.46
CA ILE A 44 -13.62 22.98 15.65
C ILE A 44 -12.74 22.65 14.45
N SER A 45 -13.23 22.93 13.24
CA SER A 45 -12.45 22.65 12.04
C SER A 45 -11.14 23.40 12.00
N TYR A 46 -10.99 24.43 12.83
CA TYR A 46 -9.70 25.12 12.97
C TYR A 46 -9.01 24.81 14.30
N GLY A 47 -9.36 23.70 14.94
CA GLY A 47 -8.68 23.29 16.15
C GLY A 47 -8.99 24.11 17.39
N MET A 48 -10.09 24.85 17.39
CA MET A 48 -10.49 25.66 18.53
C MET A 48 -11.79 25.12 19.11
N LYS A 49 -12.23 25.74 20.20
CA LYS A 49 -13.49 25.43 20.84
C LYS A 49 -14.38 26.67 20.83
N ARG A 50 -15.67 26.46 21.01
CA ARG A 50 -16.56 27.61 21.15
C ARG A 50 -16.39 28.24 22.52
N GLU A 51 -16.37 29.57 22.54
CA GLU A 51 -16.22 30.30 23.80
C GLU A 51 -17.44 30.11 24.67
N LEU A 52 -17.22 29.75 25.93
CA LEU A 52 -18.31 29.76 26.91
C LEU A 52 -18.41 31.12 27.58
N LYS A 53 -18.44 32.16 26.73
CA LYS A 53 -18.63 33.53 27.14
C LYS A 53 -19.60 34.18 26.17
N GLU A 54 -20.40 35.12 26.65
CA GLU A 54 -21.35 35.83 25.80
C GLU A 54 -20.61 37.00 25.16
N LEU A 55 -19.99 36.74 23.98
CA LEU A 55 -19.19 37.74 23.30
C LEU A 55 -20.07 38.54 22.32
N PRO A 56 -19.67 39.77 22.01
CA PRO A 56 -20.37 40.52 20.96
C PRO A 56 -19.99 40.00 19.59
N LEU A 57 -20.93 40.14 18.65
CA LEU A 57 -20.77 39.56 17.32
C LEU A 57 -19.53 40.12 16.63
N GLY A 58 -18.60 39.25 16.29
CA GLY A 58 -17.42 39.65 15.52
C GLY A 58 -16.38 40.44 16.28
N GLU A 59 -16.14 40.09 17.54
CA GLU A 59 -15.08 40.72 18.31
C GLU A 59 -13.87 39.82 18.53
N LYS A 60 -14.09 38.55 18.85
CA LYS A 60 -12.97 37.62 18.95
C LYS A 60 -12.66 37.08 17.55
N SER A 61 -11.39 37.12 17.19
CA SER A 61 -10.92 36.50 15.95
C SER A 61 -9.48 36.06 16.15
N VAL A 62 -9.17 34.86 15.68
CA VAL A 62 -7.81 34.33 15.72
C VAL A 62 -7.39 34.02 14.29
N ASN A 63 -6.12 34.29 13.99
CA ASN A 63 -5.60 33.99 12.65
C ASN A 63 -5.03 32.58 12.68
N ILE A 64 -5.81 31.63 12.20
CA ILE A 64 -5.41 30.22 12.10
C ILE A 64 -5.27 29.88 10.63
N PHE A 65 -4.10 29.38 10.23
CA PHE A 65 -3.87 28.88 8.87
C PHE A 65 -4.12 29.97 7.82
N ASN A 66 -3.74 31.20 8.15
CA ASN A 66 -3.84 32.40 7.30
C ASN A 66 -5.27 32.92 7.23
N VAL A 67 -6.18 32.38 8.04
CA VAL A 67 -7.59 32.73 7.99
C VAL A 67 -7.98 33.39 9.30
N GLU A 68 -8.69 34.51 9.21
CA GLU A 68 -9.22 35.17 10.41
C GLU A 68 -10.53 34.49 10.78
N VAL A 69 -10.46 33.55 11.72
CA VAL A 69 -11.64 32.80 12.17
C VAL A 69 -12.24 33.50 13.38
N PHE A 70 -13.54 33.78 13.30
CA PHE A 70 -14.29 34.32 14.41
C PHE A 70 -15.00 33.18 15.12
N PRO A 71 -14.55 32.75 16.30
CA PRO A 71 -15.10 31.54 16.91
C PRO A 71 -16.55 31.69 17.34
N ALA A 72 -17.26 30.57 17.34
CA ALA A 72 -18.62 30.55 17.86
C ALA A 72 -18.63 30.77 19.37
N HIS A 73 -19.74 31.29 19.88
CA HIS A 73 -19.85 31.54 21.30
C HIS A 73 -21.31 31.49 21.71
N ILE A 74 -21.54 31.36 23.02
CA ILE A 74 -22.90 31.23 23.52
C ILE A 74 -23.73 32.48 23.27
N GLY A 75 -23.07 33.62 23.04
CA GLY A 75 -23.82 34.82 22.66
C GLY A 75 -24.68 34.59 21.43
N LEU A 76 -24.17 33.78 20.48
CA LEU A 76 -24.98 33.37 19.33
C LEU A 76 -26.33 32.84 19.75
N LEU A 77 -26.36 32.01 20.80
CA LEU A 77 -27.62 31.45 21.28
C LEU A 77 -28.61 32.55 21.67
N LYS A 78 -28.11 33.66 22.22
CA LYS A 78 -28.98 34.80 22.48
C LYS A 78 -29.50 35.40 21.18
N LEU A 79 -28.60 35.64 20.22
CA LEU A 79 -28.99 36.29 18.98
C LEU A 79 -29.97 35.43 18.20
N GLU A 80 -29.75 34.12 18.19
CA GLU A 80 -30.67 33.21 17.52
C GLU A 80 -32.07 33.25 18.13
N LEU A 81 -32.18 33.68 19.39
CA LEU A 81 -33.48 33.67 20.06
C LEU A 81 -34.32 34.90 19.71
N ASN A 82 -33.83 36.09 20.07
CA ASN A 82 -34.61 37.31 19.88
C ASN A 82 -33.80 38.41 19.20
N GLY A 83 -32.80 38.03 18.41
CA GLY A 83 -31.98 39.03 17.75
C GLY A 83 -32.76 39.76 16.67
N ASP A 84 -32.50 41.07 16.57
CA ASP A 84 -33.07 41.90 15.52
C ASP A 84 -32.30 41.65 14.24
N VAL A 85 -32.99 41.16 13.19
CA VAL A 85 -32.33 40.79 11.95
C VAL A 85 -31.59 41.98 11.35
N GLU A 86 -32.16 43.19 11.44
CA GLU A 86 -31.53 44.36 10.85
C GLU A 86 -30.20 44.68 11.52
N GLU A 87 -30.19 44.69 12.85
CA GLU A 87 -28.96 45.02 13.58
C GLU A 87 -27.89 43.97 13.36
N ILE A 88 -28.27 42.69 13.40
CA ILE A 88 -27.32 41.62 13.09
C ILE A 88 -26.75 41.79 11.69
N SER A 89 -27.60 42.18 10.73
CA SER A 89 -27.18 42.36 9.35
C SER A 89 -26.16 43.48 9.22
N ASN A 90 -26.46 44.64 9.83
CA ASN A 90 -25.54 45.77 9.76
C ASN A 90 -24.22 45.42 10.42
N LYS A 91 -24.28 44.66 11.52
CA LYS A 91 -23.06 44.21 12.17
C LYS A 91 -22.24 43.33 11.24
N ILE A 92 -22.90 42.40 10.55
CA ILE A 92 -22.17 41.52 9.64
C ILE A 92 -21.53 42.32 8.51
N LYS A 93 -22.21 43.35 8.03
CA LYS A 93 -21.59 44.23 7.03
C LYS A 93 -20.34 44.89 7.61
N GLU A 94 -20.41 45.39 8.86
CA GLU A 94 -19.22 45.92 9.50
C GLU A 94 -18.09 44.89 9.54
N ILE A 95 -18.41 43.67 9.99
CA ILE A 95 -17.39 42.63 10.16
C ILE A 95 -16.70 42.35 8.83
N GLY A 96 -17.49 42.20 7.75
CA GLY A 96 -16.93 41.87 6.46
C GLY A 96 -16.32 43.04 5.70
N LYS A 97 -16.51 44.25 6.20
CA LYS A 97 -15.98 45.44 5.54
C LYS A 97 -14.49 45.33 5.23
N GLN A 98 -13.69 44.83 6.19
CA GLN A 98 -12.24 44.86 6.04
C GLN A 98 -11.68 43.65 5.29
N PHE A 99 -12.52 42.75 4.79
CA PHE A 99 -12.06 41.49 4.22
C PHE A 99 -12.39 41.43 2.74
N ASP A 100 -11.39 41.08 1.92
CA ASP A 100 -11.65 40.76 0.52
C ASP A 100 -12.69 39.66 0.40
N PHE A 101 -12.75 38.74 1.34
CA PHE A 101 -13.77 37.71 1.38
C PHE A 101 -14.15 37.43 2.82
N LEU A 102 -15.44 37.45 3.12
CA LEU A 102 -15.96 37.01 4.40
C LEU A 102 -16.88 35.83 4.14
N VAL A 103 -16.45 34.65 4.54
CA VAL A 103 -17.26 33.45 4.41
C VAL A 103 -17.96 33.22 5.75
N ILE A 104 -19.25 32.89 5.71
CA ILE A 104 -20.06 32.78 6.92
C ILE A 104 -20.63 31.38 7.02
N ASP A 105 -20.35 30.71 8.13
CA ASP A 105 -21.01 29.45 8.43
C ASP A 105 -22.29 29.70 9.20
N THR A 106 -23.34 28.98 8.84
CA THR A 106 -24.68 29.18 9.37
C THR A 106 -25.16 27.92 10.08
N PRO A 107 -26.14 28.06 10.98
CA PRO A 107 -26.66 26.88 11.70
C PRO A 107 -27.64 26.11 10.84
N PRO A 108 -27.87 24.82 11.15
CA PRO A 108 -28.79 24.01 10.34
C PRO A 108 -30.26 24.44 10.45
N ASN A 109 -30.56 25.63 9.98
CA ASN A 109 -31.93 26.12 9.89
C ASN A 109 -31.92 27.38 9.03
N LEU A 110 -33.09 27.99 8.86
CA LEU A 110 -33.21 29.29 8.23
C LEU A 110 -33.76 30.28 9.25
N GLY A 111 -33.12 30.35 10.41
CA GLY A 111 -33.57 31.21 11.49
C GLY A 111 -32.98 32.61 11.41
N THR A 112 -32.93 33.27 12.57
CA THR A 112 -32.51 34.68 12.61
C THR A 112 -31.10 34.85 12.06
N LEU A 113 -30.13 34.12 12.60
CA LEU A 113 -28.76 34.27 12.13
C LEU A 113 -28.63 33.92 10.65
N ALA A 114 -29.32 32.86 10.21
CA ALA A 114 -29.23 32.45 8.82
C ALA A 114 -29.83 33.50 7.90
N ILE A 115 -31.03 33.99 8.23
CA ILE A 115 -31.67 34.99 7.39
C ILE A 115 -30.89 36.30 7.42
N SER A 116 -30.24 36.61 8.55
CA SER A 116 -29.43 37.80 8.63
C SER A 116 -28.19 37.68 7.75
N ALA A 117 -27.62 36.48 7.66
CA ALA A 117 -26.44 36.28 6.81
C ALA A 117 -26.81 36.21 5.34
N MET A 118 -28.05 35.83 5.01
CA MET A 118 -28.47 35.85 3.61
C MET A 118 -28.88 37.25 3.16
N LEU A 119 -29.50 38.02 4.05
CA LEU A 119 -30.00 39.33 3.63
C LEU A 119 -28.87 40.28 3.25
N VAL A 120 -27.65 40.02 3.72
CA VAL A 120 -26.50 40.86 3.38
C VAL A 120 -25.45 40.11 2.58
N ALA A 121 -25.59 38.81 2.37
CA ALA A 121 -24.59 38.05 1.63
C ALA A 121 -24.46 38.60 0.22
N ASP A 122 -23.22 38.86 -0.19
CA ASP A 122 -22.99 39.19 -1.59
C ASP A 122 -23.28 37.98 -2.47
N ARG A 123 -22.84 36.79 -2.07
CA ARG A 123 -23.31 35.58 -2.72
C ARG A 123 -23.66 34.52 -1.68
N ILE A 124 -24.58 33.64 -2.07
CA ILE A 124 -25.11 32.61 -1.18
C ILE A 124 -24.86 31.26 -1.86
N VAL A 125 -24.29 30.31 -1.13
CA VAL A 125 -24.02 28.98 -1.65
C VAL A 125 -24.71 27.95 -0.76
N SER A 126 -25.24 26.91 -1.40
CA SER A 126 -25.99 25.90 -0.66
C SER A 126 -25.59 24.51 -1.12
N PRO A 127 -24.82 23.77 -0.33
CA PRO A 127 -24.46 22.40 -0.71
C PRO A 127 -25.69 21.50 -0.73
N VAL A 128 -25.65 20.50 -1.62
CA VAL A 128 -26.74 19.54 -1.77
C VAL A 128 -26.17 18.15 -1.93
N THR A 129 -26.79 17.18 -1.28
CA THR A 129 -26.52 15.78 -1.51
C THR A 129 -27.70 15.13 -2.22
N PRO A 130 -27.51 13.96 -2.85
CA PRO A 130 -28.64 13.30 -3.52
C PRO A 130 -29.56 12.59 -2.54
N GLN A 131 -29.64 13.10 -1.32
CA GLN A 131 -30.50 12.57 -0.28
C GLN A 131 -31.86 13.24 -0.32
N PRO A 132 -32.92 12.45 -0.12
CA PRO A 132 -34.29 13.03 -0.19
C PRO A 132 -34.47 14.29 0.63
N LEU A 133 -34.03 14.28 1.89
CA LEU A 133 -34.26 15.44 2.75
C LEU A 133 -33.42 16.65 2.33
N ALA A 134 -32.25 16.41 1.75
CA ALA A 134 -31.47 17.52 1.21
C ALA A 134 -32.15 18.10 -0.03
N LEU A 135 -32.70 17.24 -0.88
CA LEU A 135 -33.47 17.71 -2.02
C LEU A 135 -34.66 18.54 -1.56
N GLU A 136 -35.24 18.18 -0.40
CA GLU A 136 -36.32 18.97 0.17
C GLU A 136 -35.80 20.32 0.70
N ALA A 137 -34.63 20.29 1.34
CA ALA A 137 -34.07 21.51 1.91
C ALA A 137 -33.80 22.55 0.82
N ILE A 138 -33.30 22.11 -0.34
CA ILE A 138 -33.01 23.07 -1.40
C ILE A 138 -34.31 23.71 -1.92
N LYS A 139 -35.40 22.95 -1.93
CA LYS A 139 -36.69 23.51 -2.34
C LYS A 139 -37.18 24.55 -1.34
N ASN A 140 -37.09 24.22 -0.05
CA ASN A 140 -37.44 25.21 0.98
C ASN A 140 -36.59 26.46 0.86
N LEU A 141 -35.29 26.30 0.58
CA LEU A 141 -34.43 27.47 0.45
C LEU A 141 -34.80 28.30 -0.76
N ASP A 142 -35.17 27.66 -1.86
CA ASP A 142 -35.69 28.43 -3.00
C ASP A 142 -36.91 29.24 -2.58
N SER A 143 -37.80 28.62 -1.80
CA SER A 143 -38.96 29.35 -1.27
C SER A 143 -38.54 30.57 -0.45
N ARG A 144 -37.60 30.39 0.47
CA ARG A 144 -37.22 31.47 1.37
C ARG A 144 -36.48 32.58 0.62
N LEU A 145 -35.65 32.19 -0.35
CA LEU A 145 -35.01 33.16 -1.22
C LEU A 145 -36.04 33.99 -1.97
N LYS A 146 -37.08 33.34 -2.48
CA LYS A 146 -38.14 34.10 -3.15
C LYS A 146 -38.83 35.04 -2.18
N SER A 147 -39.00 34.62 -0.92
CA SER A 147 -39.67 35.48 0.04
C SER A 147 -38.85 36.72 0.34
N ILE A 148 -37.52 36.60 0.33
CA ILE A 148 -36.64 37.73 0.62
C ILE A 148 -35.96 38.30 -0.62
N GLY A 149 -36.21 37.72 -1.80
CA GLY A 149 -35.71 38.27 -3.05
C GLY A 149 -34.21 38.15 -3.29
N LYS A 150 -33.66 36.95 -3.15
CA LYS A 150 -32.23 36.71 -3.30
C LYS A 150 -32.02 35.43 -4.11
N ASN A 151 -30.76 35.10 -4.37
CA ASN A 151 -30.38 33.96 -5.19
C ASN A 151 -29.36 33.12 -4.44
N ALA A 152 -29.09 31.92 -4.97
CA ALA A 152 -28.07 31.06 -4.39
C ALA A 152 -27.53 30.13 -5.46
N TYR A 153 -26.26 29.73 -5.27
CA TYR A 153 -25.60 28.75 -6.12
C TYR A 153 -25.54 27.42 -5.38
N SER A 154 -25.90 26.35 -6.07
CA SER A 154 -25.84 25.02 -5.47
C SER A 154 -24.77 24.17 -6.14
N PHE A 155 -24.22 23.25 -5.36
CA PHE A 155 -23.28 22.26 -5.87
C PHE A 155 -23.47 20.97 -5.09
N THR A 156 -23.07 19.87 -5.72
CA THR A 156 -23.33 18.54 -5.18
C THR A 156 -22.19 18.05 -4.30
N ASN A 157 -22.55 17.47 -3.16
CA ASN A 157 -21.62 16.89 -2.21
C ASN A 157 -21.98 15.41 -2.00
N PHE A 158 -20.99 14.63 -1.57
CA PHE A 158 -21.16 13.20 -1.30
C PHE A 158 -21.64 12.45 -2.54
N SER A 159 -21.18 12.87 -3.72
CA SER A 159 -21.66 12.29 -4.96
C SER A 159 -20.68 12.63 -6.07
N LYS A 160 -20.55 11.69 -7.01
CA LYS A 160 -19.85 11.95 -8.26
C LYS A 160 -20.79 12.42 -9.36
N LYS A 161 -22.09 12.37 -9.14
CA LYS A 161 -23.07 12.83 -10.10
C LYS A 161 -23.76 14.09 -9.57
N VAL A 162 -23.84 15.12 -10.41
CA VAL A 162 -24.43 16.39 -10.02
C VAL A 162 -25.94 16.24 -9.86
N VAL A 163 -26.51 16.93 -8.87
CA VAL A 163 -27.95 16.94 -8.67
C VAL A 163 -28.50 18.23 -9.27
N LYS A 164 -29.68 18.15 -9.87
CA LYS A 164 -30.32 19.31 -10.47
C LYS A 164 -31.83 19.17 -10.35
N LEU A 165 -32.50 20.27 -10.05
CA LEU A 165 -33.95 20.30 -9.89
C LEU A 165 -34.54 21.39 -10.77
N ASP A 166 -35.81 21.21 -11.10
CA ASP A 166 -36.55 22.13 -11.95
C ASP A 166 -37.47 23.01 -11.12
N ASN A 167 -37.90 24.13 -11.73
CA ASN A 167 -38.80 25.10 -11.13
C ASN A 167 -38.22 25.76 -9.88
N LEU A 168 -36.91 25.75 -9.74
CA LEU A 168 -36.20 26.45 -8.67
C LEU A 168 -35.41 27.61 -9.28
N SER A 169 -36.14 28.60 -9.77
CA SER A 169 -35.57 29.73 -10.50
C SER A 169 -34.73 30.64 -9.63
N SER A 170 -34.61 30.37 -8.33
CA SER A 170 -33.78 31.19 -7.44
C SER A 170 -32.47 30.52 -7.07
N VAL A 171 -32.29 29.25 -7.38
CA VAL A 171 -31.04 28.54 -7.09
C VAL A 171 -30.46 28.06 -8.41
N LYS A 172 -29.27 28.57 -8.75
CA LYS A 172 -28.56 28.11 -9.92
C LYS A 172 -27.78 26.85 -9.57
N PHE A 173 -27.95 25.80 -10.37
CA PHE A 173 -27.28 24.52 -10.14
C PHE A 173 -26.03 24.46 -10.98
N THR A 174 -24.87 24.42 -10.32
CA THR A 174 -23.60 24.40 -11.01
C THR A 174 -23.15 22.96 -11.24
N GLU A 175 -22.20 22.81 -12.17
CA GLU A 175 -21.67 21.49 -12.49
C GLU A 175 -20.72 20.96 -11.43
N ILE A 176 -20.39 21.75 -10.42
CA ILE A 176 -19.41 21.34 -9.42
C ILE A 176 -20.01 20.21 -8.58
N THR A 177 -19.37 19.05 -8.61
CA THR A 177 -19.74 17.91 -7.79
C THR A 177 -18.52 17.41 -7.03
N ILE A 178 -18.63 17.33 -5.72
CA ILE A 178 -17.53 16.94 -4.85
C ILE A 178 -17.73 15.47 -4.47
N PRO A 179 -16.78 14.59 -4.78
CA PRO A 179 -16.95 13.17 -4.45
C PRO A 179 -16.50 12.90 -3.02
N PRO A 180 -16.93 11.78 -2.44
CA PRO A 180 -16.44 11.40 -1.11
C PRO A 180 -14.92 11.28 -1.09
N SER A 181 -14.35 11.38 0.12
CA SER A 181 -12.90 11.41 0.26
C SER A 181 -12.52 11.12 1.71
N ARG A 182 -11.51 10.26 1.89
CA ARG A 182 -10.97 10.02 3.22
C ARG A 182 -10.28 11.26 3.77
N LEU A 183 -9.75 12.10 2.88
CA LEU A 183 -9.06 13.31 3.31
C LEU A 183 -9.97 14.21 4.13
N PHE A 184 -11.27 14.20 3.84
CA PHE A 184 -12.20 15.03 4.59
C PHE A 184 -12.33 14.55 6.04
N ILE A 185 -12.55 13.24 6.26
CA ILE A 185 -12.68 12.77 7.64
C ILE A 185 -11.37 13.01 8.36
N GLU A 186 -10.25 12.90 7.64
CA GLU A 186 -8.98 12.95 8.35
C GLU A 186 -8.66 14.38 8.77
N ALA A 187 -8.96 15.34 7.90
CA ALA A 187 -8.86 16.74 8.31
C ALA A 187 -9.85 17.07 9.42
N SER A 188 -11.00 16.40 9.45
CA SER A 188 -11.93 16.59 10.58
C SER A 188 -11.32 16.08 11.88
N ARG A 189 -10.86 14.83 11.87
CA ARG A 189 -10.27 14.25 13.07
C ARG A 189 -9.07 15.04 13.54
N LEU A 190 -8.29 15.59 12.61
CA LEU A 190 -7.13 16.36 13.01
C LEU A 190 -7.51 17.78 13.44
N GLY A 191 -8.54 18.35 12.82
CA GLY A 191 -9.01 19.66 13.17
C GLY A 191 -8.47 20.80 12.33
N VAL A 192 -8.09 20.55 11.08
CA VAL A 192 -7.64 21.61 10.18
C VAL A 192 -8.48 21.54 8.90
N PRO A 193 -8.41 22.54 8.03
CA PRO A 193 -9.02 22.41 6.70
C PRO A 193 -8.42 21.25 5.92
N ALA A 194 -9.20 20.72 4.97
CA ALA A 194 -8.73 19.61 4.15
C ALA A 194 -7.81 20.06 3.03
N LEU A 195 -8.00 21.27 2.51
CA LEU A 195 -7.07 21.76 1.49
C LEU A 195 -5.68 21.95 2.04
N ARG A 196 -5.55 22.23 3.34
CA ARG A 196 -4.23 22.30 3.95
C ARG A 196 -3.70 20.93 4.32
N TYR A 197 -4.60 20.00 4.67
CA TYR A 197 -4.17 18.63 4.91
C TYR A 197 -3.54 18.02 3.66
N GLU A 198 -4.28 18.03 2.55
CA GLU A 198 -3.75 17.44 1.32
C GLU A 198 -2.56 18.21 0.77
N GLU A 199 -2.25 19.39 1.31
CA GLU A 199 -1.04 20.09 0.90
C GLU A 199 0.21 19.30 1.22
N VAL A 200 0.14 18.43 2.23
CA VAL A 200 1.24 17.54 2.55
C VAL A 200 0.85 16.06 2.47
N ARG A 201 -0.43 15.73 2.61
CA ARG A 201 -0.86 14.33 2.57
C ARG A 201 -0.52 13.68 1.23
N ILE A 202 -0.39 14.46 0.16
CA ILE A 202 -0.12 13.93 -1.17
C ILE A 202 0.94 14.79 -1.86
N LYS A 203 1.03 14.66 -3.18
CA LYS A 203 1.94 15.46 -3.99
C LYS A 203 1.27 16.21 -5.13
N LYS A 204 0.12 15.73 -5.63
CA LYS A 204 -0.58 16.36 -6.75
C LYS A 204 -1.97 16.79 -6.31
N PRO A 205 -2.16 18.04 -5.86
CA PRO A 205 -3.38 18.40 -5.12
C PRO A 205 -4.66 18.02 -5.86
N LYS A 206 -5.65 17.57 -5.09
CA LYS A 206 -6.89 17.01 -5.64
C LYS A 206 -8.12 17.82 -5.28
N LEU A 207 -8.29 18.16 -3.99
CA LEU A 207 -9.54 18.76 -3.56
C LEU A 207 -9.66 20.22 -3.97
N ALA A 208 -8.52 20.90 -4.16
CA ALA A 208 -8.53 22.35 -4.39
C ALA A 208 -9.18 22.72 -5.71
N ASN A 209 -9.27 21.78 -6.65
CA ASN A 209 -9.87 22.09 -7.95
C ASN A 209 -11.32 22.51 -7.79
N TYR A 210 -12.06 21.83 -6.90
CA TYR A 210 -13.47 22.14 -6.73
C TYR A 210 -13.69 23.54 -6.17
N TYR A 211 -12.79 24.01 -5.30
CA TYR A 211 -12.96 25.34 -4.72
C TYR A 211 -12.44 26.42 -5.65
N GLN A 212 -11.38 26.11 -6.38
CA GLN A 212 -10.91 26.86 -7.54
C GLN A 212 -12.12 27.17 -8.46
N GLN A 213 -12.85 26.11 -8.84
CA GLN A 213 -14.04 26.23 -9.69
C GLN A 213 -15.17 26.97 -9.00
N LEU A 214 -15.39 26.73 -7.70
CA LEU A 214 -16.50 27.35 -6.99
C LEU A 214 -16.28 28.85 -6.82
N ALA A 215 -15.05 29.25 -6.48
CA ALA A 215 -14.68 30.66 -6.49
C ALA A 215 -15.00 31.28 -7.86
N LYS A 216 -14.62 30.61 -8.95
CA LYS A 216 -14.95 31.17 -10.25
C LYS A 216 -16.46 31.25 -10.49
N VAL A 217 -17.21 30.22 -10.10
CA VAL A 217 -18.64 30.25 -10.43
C VAL A 217 -19.35 31.33 -9.63
N ILE A 218 -18.86 31.64 -8.43
CA ILE A 218 -19.54 32.63 -7.58
C ILE A 218 -18.95 34.04 -7.70
N SER A 219 -17.84 34.21 -8.42
CA SER A 219 -17.22 35.53 -8.51
C SER A 219 -17.70 36.34 -9.70
N GLU A 220 -18.21 35.69 -10.75
CA GLU A 220 -18.61 36.41 -11.96
C GLU A 220 -20.09 36.82 -11.91
N MET B 1 43.95 -13.23 -40.55
CA MET B 1 44.52 -13.09 -39.23
C MET B 1 43.60 -13.82 -38.27
N ILE B 2 44.13 -14.80 -37.53
CA ILE B 2 43.31 -15.58 -36.60
C ILE B 2 43.45 -14.96 -35.22
N VAL B 3 42.32 -14.53 -34.66
CA VAL B 3 42.27 -14.01 -33.30
C VAL B 3 41.48 -15.01 -32.47
N THR B 4 42.17 -15.69 -31.55
CA THR B 4 41.52 -16.60 -30.61
C THR B 4 41.39 -15.90 -29.26
N VAL B 5 40.20 -15.98 -28.67
CA VAL B 5 39.94 -15.43 -27.35
C VAL B 5 39.87 -16.60 -26.38
N ILE B 6 40.71 -16.55 -25.34
CA ILE B 6 41.01 -17.71 -24.50
C ILE B 6 40.91 -17.31 -23.03
N ASN B 7 40.25 -18.15 -22.24
CA ASN B 7 40.19 -18.00 -20.79
C ASN B 7 39.58 -19.26 -20.19
N GLN B 8 40.18 -19.75 -19.12
CA GLN B 8 39.76 -21.03 -18.55
C GLN B 8 38.66 -20.90 -17.52
N LYS B 9 38.25 -19.68 -17.15
CA LYS B 9 37.11 -19.47 -16.28
C LYS B 9 36.06 -18.64 -17.01
N GLY B 10 34.80 -19.05 -16.88
CA GLY B 10 33.72 -18.34 -17.53
C GLY B 10 33.33 -17.06 -16.82
N GLY B 11 32.55 -16.25 -17.53
CA GLY B 11 32.01 -15.02 -16.96
C GLY B 11 32.89 -13.80 -17.10
N VAL B 12 34.16 -13.96 -17.48
CA VAL B 12 35.04 -12.80 -17.60
C VAL B 12 34.65 -11.95 -18.80
N GLY B 13 34.04 -12.54 -19.83
CA GLY B 13 33.62 -11.78 -20.98
C GLY B 13 34.16 -12.28 -22.30
N LYS B 14 34.56 -13.55 -22.37
CA LYS B 14 35.11 -14.10 -23.61
C LYS B 14 34.14 -13.91 -24.77
N THR B 15 32.90 -14.37 -24.60
CA THR B 15 31.90 -14.27 -25.65
C THR B 15 31.69 -12.82 -26.08
N THR B 16 31.54 -11.92 -25.11
CA THR B 16 31.26 -10.52 -25.42
C THR B 16 32.37 -9.94 -26.28
N THR B 17 33.62 -10.24 -25.91
CA THR B 17 34.77 -9.73 -26.65
C THR B 17 34.82 -10.32 -28.05
N SER B 18 34.68 -11.64 -28.18
CA SER B 18 34.69 -12.26 -29.50
C SER B 18 33.66 -11.60 -30.41
N VAL B 19 32.43 -11.49 -29.92
CA VAL B 19 31.34 -10.93 -30.72
C VAL B 19 31.67 -9.50 -31.16
N ASN B 20 31.96 -8.63 -30.18
CA ASN B 20 32.10 -7.22 -30.49
C ASN B 20 33.37 -6.94 -31.29
N LEU B 21 34.44 -7.68 -31.04
CA LEU B 21 35.66 -7.50 -31.81
C LEU B 21 35.47 -7.92 -33.26
N SER B 22 34.82 -9.07 -33.48
CA SER B 22 34.50 -9.48 -34.84
C SER B 22 33.65 -8.44 -35.54
N TYR B 23 32.65 -7.90 -34.84
CA TYR B 23 31.78 -6.93 -35.48
C TYR B 23 32.52 -5.64 -35.79
N TYR B 24 33.38 -5.18 -34.88
CA TYR B 24 34.17 -3.98 -35.15
C TYR B 24 35.05 -4.19 -36.37
N LEU B 25 35.71 -5.34 -36.46
CA LEU B 25 36.59 -5.58 -37.60
C LEU B 25 35.80 -5.71 -38.89
N SER B 26 34.55 -6.15 -38.81
CA SER B 26 33.74 -6.34 -40.02
C SER B 26 33.47 -5.04 -40.76
N LYS B 27 33.57 -3.89 -40.08
CA LYS B 27 33.25 -2.62 -40.73
C LYS B 27 34.20 -2.29 -41.87
N GLU B 28 35.37 -2.92 -41.94
CA GLU B 28 36.36 -2.54 -42.94
C GLU B 28 36.86 -3.74 -43.75
N LYS B 29 36.94 -4.90 -43.13
CA LYS B 29 37.50 -6.09 -43.78
C LYS B 29 36.60 -7.29 -43.55
N LYS B 30 36.75 -8.28 -44.43
CA LYS B 30 35.98 -9.52 -44.34
C LYS B 30 36.29 -10.27 -43.04
N THR B 31 35.26 -10.51 -42.24
CA THR B 31 35.41 -11.06 -40.89
C THR B 31 34.54 -12.29 -40.71
N GLY B 32 35.09 -13.27 -40.00
CA GLY B 32 34.32 -14.42 -39.59
C GLY B 32 34.41 -14.60 -38.08
N LEU B 33 33.41 -15.26 -37.52
CA LEU B 33 33.38 -15.59 -36.09
C LEU B 33 33.09 -17.09 -35.95
N LEU B 34 34.09 -17.83 -35.50
CA LEU B 34 33.99 -19.27 -35.33
C LEU B 34 33.70 -19.56 -33.86
N ASP B 35 32.54 -20.18 -33.60
CA ASP B 35 32.05 -20.41 -32.24
C ASP B 35 32.37 -21.85 -31.85
N LEU B 36 33.40 -22.01 -31.02
CA LEU B 36 33.84 -23.33 -30.57
C LEU B 36 33.29 -23.71 -29.20
N ASP B 37 32.65 -22.80 -28.50
CA ASP B 37 32.06 -23.12 -27.20
C ASP B 37 30.72 -23.82 -27.41
N PRO B 38 30.58 -25.08 -26.99
CA PRO B 38 29.30 -25.79 -27.21
C PRO B 38 28.11 -25.14 -26.50
N GLU B 39 28.36 -24.20 -25.58
CA GLU B 39 27.28 -23.47 -24.92
C GLU B 39 26.66 -22.41 -25.83
N GLY B 40 27.39 -21.94 -26.84
CA GLY B 40 26.79 -21.13 -27.89
C GLY B 40 26.55 -19.67 -27.56
N GLY B 41 27.44 -19.05 -26.81
CA GLY B 41 27.24 -17.66 -26.44
C GLY B 41 27.22 -16.71 -27.62
N ALA B 42 28.20 -16.84 -28.52
CA ALA B 42 28.32 -15.89 -29.62
C ALA B 42 27.19 -16.06 -30.64
N THR B 43 26.84 -17.31 -30.96
CA THR B 43 25.70 -17.58 -31.82
C THR B 43 24.44 -16.91 -31.29
N ILE B 44 24.20 -17.01 -29.97
CA ILE B 44 23.06 -16.31 -29.37
C ILE B 44 23.25 -14.81 -29.49
N SER B 45 24.48 -14.33 -29.37
CA SER B 45 24.74 -12.91 -29.52
C SER B 45 24.49 -12.41 -30.94
N TYR B 46 24.34 -13.33 -31.91
CA TYR B 46 23.96 -12.94 -33.25
C TYR B 46 22.54 -13.38 -33.59
N GLY B 47 21.70 -13.60 -32.59
CA GLY B 47 20.30 -13.86 -32.80
C GLY B 47 19.91 -15.27 -33.18
N MET B 48 20.84 -16.23 -33.17
CA MET B 48 20.47 -17.60 -33.51
C MET B 48 20.56 -18.50 -32.29
N LYS B 49 20.28 -19.78 -32.50
CA LYS B 49 20.38 -20.81 -31.47
C LYS B 49 21.41 -21.84 -31.91
N ARG B 50 22.03 -22.50 -30.94
CA ARG B 50 22.86 -23.64 -31.24
C ARG B 50 22.02 -24.72 -31.94
N GLU B 51 22.59 -25.38 -32.94
CA GLU B 51 21.85 -26.40 -33.66
C GLU B 51 21.99 -27.75 -32.98
N LEU B 52 20.85 -28.42 -32.78
CA LEU B 52 20.82 -29.70 -32.11
C LEU B 52 21.10 -30.84 -33.10
N LYS B 53 22.13 -30.66 -33.92
CA LYS B 53 22.55 -31.66 -34.88
C LYS B 53 24.08 -31.75 -34.82
N GLU B 54 24.60 -32.96 -35.08
CA GLU B 54 26.04 -33.20 -34.96
C GLU B 54 26.69 -32.89 -36.30
N LEU B 55 26.95 -31.59 -36.51
CA LEU B 55 27.57 -30.96 -37.68
C LEU B 55 29.08 -31.10 -37.65
N PRO B 56 29.70 -31.28 -38.82
CA PRO B 56 31.16 -31.25 -38.87
C PRO B 56 31.66 -29.84 -38.67
N LEU B 57 32.92 -29.74 -38.24
CA LEU B 57 33.46 -28.45 -37.81
C LEU B 57 33.47 -27.45 -38.95
N GLY B 58 32.84 -26.30 -38.73
CA GLY B 58 32.96 -25.17 -39.65
C GLY B 58 32.36 -25.34 -41.02
N GLU B 59 31.36 -26.21 -41.18
CA GLU B 59 30.74 -26.39 -42.49
C GLU B 59 29.56 -25.45 -42.71
N LYS B 60 28.76 -25.20 -41.68
CA LYS B 60 27.61 -24.31 -41.75
C LYS B 60 27.99 -22.93 -41.21
N SER B 61 27.68 -21.88 -41.99
CA SER B 61 27.90 -20.52 -41.52
C SER B 61 26.80 -19.60 -42.08
N VAL B 62 26.47 -18.57 -41.31
CA VAL B 62 25.44 -17.60 -41.67
C VAL B 62 26.03 -16.20 -41.58
N ASN B 63 25.77 -15.37 -42.58
CA ASN B 63 26.29 -14.00 -42.56
C ASN B 63 25.25 -13.09 -41.90
N ILE B 64 25.59 -12.56 -40.74
CA ILE B 64 24.70 -11.76 -39.90
C ILE B 64 25.42 -10.50 -39.50
N PHE B 65 24.80 -9.35 -39.77
CA PHE B 65 25.39 -8.04 -39.47
C PHE B 65 26.80 -7.93 -40.04
N ASN B 66 26.99 -8.49 -41.24
CA ASN B 66 28.27 -8.47 -41.94
C ASN B 66 29.34 -9.27 -41.21
N VAL B 67 28.94 -10.36 -40.56
CA VAL B 67 29.86 -11.28 -39.90
C VAL B 67 29.47 -12.69 -40.29
N GLU B 68 30.40 -13.44 -40.86
CA GLU B 68 30.14 -14.84 -41.19
C GLU B 68 30.31 -15.67 -39.92
N VAL B 69 29.19 -15.92 -39.23
CA VAL B 69 29.20 -16.64 -37.96
C VAL B 69 29.08 -18.13 -38.25
N PHE B 70 30.05 -18.90 -37.78
CA PHE B 70 29.94 -20.35 -37.78
C PHE B 70 29.27 -20.77 -36.48
N PRO B 71 27.96 -21.06 -36.50
CA PRO B 71 27.23 -21.26 -35.26
C PRO B 71 27.68 -22.50 -34.51
N ALA B 72 27.42 -22.49 -33.21
CA ALA B 72 27.74 -23.61 -32.35
C ALA B 72 26.73 -24.74 -32.52
N HIS B 73 27.18 -25.96 -32.24
CA HIS B 73 26.35 -27.14 -32.45
C HIS B 73 26.87 -28.26 -31.56
N ILE B 74 26.00 -29.23 -31.31
CA ILE B 74 26.30 -30.27 -30.33
C ILE B 74 27.44 -31.19 -30.77
N GLY B 75 27.77 -31.21 -32.07
CA GLY B 75 28.93 -31.95 -32.51
C GLY B 75 30.21 -31.50 -31.82
N LEU B 76 30.32 -30.20 -31.55
CA LEU B 76 31.44 -29.66 -30.79
C LEU B 76 31.69 -30.47 -29.53
N LEU B 77 30.60 -30.92 -28.88
CA LEU B 77 30.73 -31.68 -27.65
C LEU B 77 31.66 -32.87 -27.84
N LYS B 78 31.41 -33.69 -28.87
CA LYS B 78 32.25 -34.87 -29.04
C LYS B 78 33.68 -34.48 -29.36
N LEU B 79 33.86 -33.35 -30.05
CA LEU B 79 35.21 -32.89 -30.34
C LEU B 79 35.97 -32.56 -29.05
N GLU B 80 35.26 -32.05 -28.04
CA GLU B 80 35.93 -31.80 -26.77
C GLU B 80 36.35 -33.08 -26.07
N LEU B 81 35.70 -34.20 -26.38
CA LEU B 81 36.01 -35.46 -25.74
C LEU B 81 37.14 -36.20 -26.46
N ASN B 82 37.00 -36.41 -27.76
CA ASN B 82 37.97 -37.21 -28.52
C ASN B 82 38.31 -36.54 -29.84
N GLY B 83 38.55 -35.23 -29.80
CA GLY B 83 38.94 -34.51 -30.99
C GLY B 83 40.43 -34.69 -31.27
N ASP B 84 40.75 -34.83 -32.56
CA ASP B 84 42.12 -34.87 -33.02
C ASP B 84 42.59 -33.42 -33.22
N VAL B 85 43.54 -32.99 -32.39
CA VAL B 85 43.96 -31.59 -32.42
C VAL B 85 44.49 -31.21 -33.80
N GLU B 86 45.22 -32.14 -34.45
CA GLU B 86 45.75 -31.89 -35.78
C GLU B 86 44.64 -31.52 -36.76
N GLU B 87 43.63 -32.39 -36.89
CA GLU B 87 42.52 -32.11 -37.79
C GLU B 87 41.86 -30.77 -37.49
N ILE B 88 41.52 -30.54 -36.22
CA ILE B 88 40.73 -29.37 -35.86
C ILE B 88 41.50 -28.09 -36.14
N SER B 89 42.79 -28.07 -35.80
CA SER B 89 43.60 -26.88 -36.05
C SER B 89 43.80 -26.66 -37.55
N ASN B 90 44.03 -27.76 -38.30
CA ASN B 90 44.12 -27.64 -39.75
C ASN B 90 42.83 -27.07 -40.33
N LYS B 91 41.68 -27.49 -39.79
CA LYS B 91 40.40 -27.03 -40.30
C LYS B 91 40.18 -25.55 -39.96
N ILE B 92 40.64 -25.13 -38.78
CA ILE B 92 40.56 -23.70 -38.46
C ILE B 92 41.45 -22.89 -39.41
N LYS B 93 42.64 -23.40 -39.73
CA LYS B 93 43.49 -22.73 -40.72
C LYS B 93 42.80 -22.63 -42.06
N GLU B 94 42.23 -23.75 -42.54
CA GLU B 94 41.52 -23.76 -43.81
C GLU B 94 40.38 -22.76 -43.82
N ILE B 95 39.66 -22.63 -42.71
CA ILE B 95 38.57 -21.68 -42.65
C ILE B 95 39.10 -20.25 -42.67
N GLY B 96 40.09 -19.96 -41.82
CA GLY B 96 40.60 -18.62 -41.69
C GLY B 96 41.29 -18.10 -42.93
N LYS B 97 41.76 -18.98 -43.82
CA LYS B 97 42.40 -18.52 -45.04
C LYS B 97 41.46 -17.64 -45.86
N GLN B 98 40.15 -17.82 -45.72
CA GLN B 98 39.16 -17.09 -46.50
C GLN B 98 38.69 -15.81 -45.82
N PHE B 99 39.43 -15.30 -44.84
CA PHE B 99 39.01 -14.11 -44.10
C PHE B 99 40.20 -13.21 -43.86
N ASP B 100 39.92 -11.90 -43.79
CA ASP B 100 40.93 -10.98 -43.28
C ASP B 100 41.08 -11.14 -41.77
N PHE B 101 39.98 -11.47 -41.08
CA PHE B 101 39.99 -11.71 -39.65
C PHE B 101 39.07 -12.87 -39.35
N LEU B 102 39.54 -13.80 -38.53
CA LEU B 102 38.71 -14.89 -38.02
C LEU B 102 38.80 -14.84 -36.50
N VAL B 103 37.79 -14.26 -35.86
CA VAL B 103 37.72 -14.28 -34.41
C VAL B 103 37.15 -15.62 -33.98
N ILE B 104 37.66 -16.16 -32.87
CA ILE B 104 37.27 -17.49 -32.40
C ILE B 104 36.86 -17.41 -30.94
N ASP B 105 35.64 -17.86 -30.64
CA ASP B 105 35.21 -18.03 -29.25
C ASP B 105 35.48 -19.46 -28.80
N THR B 106 35.86 -19.60 -27.54
CA THR B 106 36.32 -20.88 -27.00
C THR B 106 35.53 -21.25 -25.76
N PRO B 107 35.46 -22.53 -25.42
CA PRO B 107 34.72 -22.96 -24.23
C PRO B 107 35.44 -22.54 -22.95
N PRO B 108 34.71 -22.48 -21.82
CA PRO B 108 35.34 -22.03 -20.57
C PRO B 108 36.34 -23.03 -20.01
N ASN B 109 37.29 -23.47 -20.84
CA ASN B 109 38.33 -24.37 -20.40
C ASN B 109 39.55 -24.20 -21.33
N LEU B 110 40.56 -25.01 -21.10
CA LEU B 110 41.71 -25.08 -22.00
C LEU B 110 41.83 -26.49 -22.56
N GLY B 111 40.74 -27.02 -23.08
CA GLY B 111 40.70 -28.38 -23.58
C GLY B 111 41.11 -28.50 -25.03
N THR B 112 40.55 -29.52 -25.70
CA THR B 112 40.96 -29.82 -27.08
C THR B 112 40.69 -28.65 -28.01
N LEU B 113 39.50 -28.06 -27.93
CA LEU B 113 39.16 -26.97 -28.86
C LEU B 113 39.97 -25.72 -28.58
N ALA B 114 40.19 -25.41 -27.29
CA ALA B 114 41.02 -24.26 -26.94
C ALA B 114 42.46 -24.45 -27.39
N ILE B 115 43.01 -25.66 -27.18
CA ILE B 115 44.37 -25.95 -27.62
C ILE B 115 44.48 -25.81 -29.14
N SER B 116 43.48 -26.34 -29.86
CA SER B 116 43.50 -26.27 -31.32
C SER B 116 43.45 -24.82 -31.79
N ALA B 117 42.56 -24.02 -31.20
CA ALA B 117 42.45 -22.62 -31.60
C ALA B 117 43.66 -21.80 -31.16
N MET B 118 44.41 -22.27 -30.16
CA MET B 118 45.58 -21.52 -29.69
C MET B 118 46.81 -21.78 -30.55
N LEU B 119 47.01 -23.03 -30.97
CA LEU B 119 48.21 -23.34 -31.76
C LEU B 119 48.24 -22.55 -33.06
N VAL B 120 47.14 -22.57 -33.82
CA VAL B 120 47.10 -21.87 -35.09
C VAL B 120 46.73 -20.40 -34.96
N ALA B 121 46.42 -19.94 -33.75
CA ALA B 121 46.08 -18.54 -33.57
C ALA B 121 47.27 -17.67 -33.94
N ASP B 122 47.01 -16.67 -34.79
CA ASP B 122 47.99 -15.60 -34.95
C ASP B 122 48.09 -14.78 -33.67
N ARG B 123 46.95 -14.49 -33.01
CA ARG B 123 46.97 -13.75 -31.77
C ARG B 123 45.94 -14.28 -30.78
N ILE B 124 46.38 -14.43 -29.54
CA ILE B 124 45.55 -14.90 -28.44
C ILE B 124 45.21 -13.72 -27.56
N VAL B 125 43.96 -13.63 -27.12
CA VAL B 125 43.47 -12.54 -26.28
C VAL B 125 42.77 -13.16 -25.08
N SER B 126 43.09 -12.66 -23.89
CA SER B 126 42.46 -13.14 -22.66
C SER B 126 41.91 -11.95 -21.89
N PRO B 127 40.60 -11.80 -21.79
CA PRO B 127 40.03 -10.77 -20.92
C PRO B 127 40.31 -11.11 -19.46
N VAL B 128 40.32 -10.06 -18.62
CA VAL B 128 40.63 -10.23 -17.21
C VAL B 128 39.80 -9.25 -16.39
N THR B 129 39.46 -9.66 -15.18
CA THR B 129 38.73 -8.86 -14.20
C THR B 129 39.54 -8.81 -12.91
N PRO B 130 39.29 -7.81 -12.06
CA PRO B 130 40.04 -7.71 -10.79
C PRO B 130 39.66 -8.78 -9.77
N GLN B 131 38.60 -9.55 -9.98
CA GLN B 131 38.23 -10.59 -9.05
C GLN B 131 39.27 -11.71 -9.10
N PRO B 132 39.47 -12.44 -7.99
CA PRO B 132 40.70 -13.25 -7.85
C PRO B 132 40.86 -14.36 -8.88
N LEU B 133 39.80 -15.14 -9.13
CA LEU B 133 39.95 -16.30 -10.00
C LEU B 133 40.36 -15.93 -11.42
N ALA B 134 40.04 -14.73 -11.88
CA ALA B 134 40.48 -14.32 -13.22
C ALA B 134 41.98 -14.06 -13.24
N LEU B 135 42.51 -13.45 -12.18
CA LEU B 135 43.95 -13.25 -12.08
C LEU B 135 44.68 -14.57 -11.99
N GLU B 136 44.11 -15.53 -11.28
CA GLU B 136 44.76 -16.84 -11.25
C GLU B 136 44.65 -17.55 -12.58
N ALA B 137 43.53 -17.34 -13.30
CA ALA B 137 43.40 -17.86 -14.65
C ALA B 137 44.51 -17.33 -15.54
N ILE B 138 44.80 -16.03 -15.46
CA ILE B 138 45.83 -15.47 -16.34
C ILE B 138 47.21 -15.97 -15.94
N LYS B 139 47.46 -16.22 -14.65
CA LYS B 139 48.74 -16.82 -14.26
C LYS B 139 48.91 -18.21 -14.86
N ASN B 140 47.91 -19.09 -14.66
CA ASN B 140 48.02 -20.44 -15.21
C ASN B 140 48.05 -20.41 -16.73
N LEU B 141 47.41 -19.41 -17.34
CA LEU B 141 47.49 -19.24 -18.79
C LEU B 141 48.88 -18.88 -19.24
N ASP B 142 49.61 -18.08 -18.46
CA ASP B 142 51.00 -17.81 -18.80
C ASP B 142 51.83 -19.09 -18.76
N SER B 143 51.60 -19.92 -17.74
CA SER B 143 52.25 -21.24 -17.71
C SER B 143 51.96 -22.01 -18.99
N ARG B 144 50.69 -22.11 -19.37
CA ARG B 144 50.31 -22.84 -20.58
C ARG B 144 50.96 -22.23 -21.82
N LEU B 145 50.97 -20.91 -21.91
CA LEU B 145 51.49 -20.22 -23.09
C LEU B 145 52.97 -20.52 -23.27
N LYS B 146 53.76 -20.48 -22.20
CA LYS B 146 55.15 -20.86 -22.39
C LYS B 146 55.28 -22.34 -22.66
N SER B 147 54.40 -23.16 -22.09
CA SER B 147 54.38 -24.60 -22.42
C SER B 147 54.22 -24.82 -23.92
N ILE B 148 53.49 -23.94 -24.61
CA ILE B 148 53.30 -24.07 -26.05
C ILE B 148 54.11 -23.06 -26.85
N GLY B 149 54.91 -22.22 -26.19
CA GLY B 149 55.77 -21.26 -26.87
C GLY B 149 55.02 -20.21 -27.67
N LYS B 150 54.06 -19.55 -27.04
CA LYS B 150 53.18 -18.60 -27.72
C LYS B 150 52.96 -17.39 -26.82
N ASN B 151 52.32 -16.37 -27.38
CA ASN B 151 52.04 -15.13 -26.68
C ASN B 151 50.54 -14.89 -26.59
N ALA B 152 50.15 -14.02 -25.66
CA ALA B 152 48.79 -13.55 -25.57
C ALA B 152 48.79 -12.10 -25.12
N TYR B 153 47.80 -11.35 -25.58
CA TYR B 153 47.48 -10.02 -25.08
C TYR B 153 46.33 -10.13 -24.10
N SER B 154 46.19 -9.10 -23.26
CA SER B 154 45.20 -9.09 -22.21
C SER B 154 44.71 -7.69 -21.96
N PHE B 155 43.42 -7.56 -21.69
CA PHE B 155 42.80 -6.31 -21.29
C PHE B 155 41.83 -6.57 -20.16
N THR B 156 41.55 -5.53 -19.39
CA THR B 156 40.71 -5.67 -18.21
C THR B 156 39.26 -5.39 -18.54
N ASN B 157 38.37 -6.23 -18.01
CA ASN B 157 36.93 -6.10 -18.17
C ASN B 157 36.28 -5.98 -16.80
N PHE B 158 35.06 -5.45 -16.78
CA PHE B 158 34.27 -5.31 -15.56
C PHE B 158 34.96 -4.40 -14.54
N SER B 159 35.68 -3.38 -15.02
CA SER B 159 36.49 -2.56 -14.15
C SER B 159 36.74 -1.21 -14.81
N LYS B 160 37.08 -0.22 -13.98
CA LYS B 160 37.49 1.08 -14.47
C LYS B 160 39.00 1.28 -14.40
N LYS B 161 39.69 0.56 -13.52
CA LYS B 161 41.14 0.59 -13.42
C LYS B 161 41.71 -0.69 -14.03
N VAL B 162 42.75 -0.54 -14.85
CA VAL B 162 43.29 -1.66 -15.59
C VAL B 162 44.05 -2.60 -14.66
N VAL B 163 44.04 -3.88 -15.00
CA VAL B 163 44.81 -4.90 -14.27
C VAL B 163 46.11 -5.14 -15.02
N LYS B 164 47.23 -5.16 -14.28
CA LYS B 164 48.54 -5.36 -14.88
C LYS B 164 49.38 -6.17 -13.89
N LEU B 165 49.31 -7.49 -13.99
CA LEU B 165 50.19 -8.36 -13.20
C LEU B 165 51.65 -8.13 -13.57
N ASP B 166 52.53 -8.87 -12.89
CA ASP B 166 53.93 -8.51 -12.82
C ASP B 166 54.85 -9.49 -13.54
N ASN B 167 54.81 -10.77 -13.19
CA ASN B 167 55.85 -11.71 -13.59
C ASN B 167 55.44 -12.59 -14.75
N LEU B 168 54.29 -12.35 -15.37
CA LEU B 168 53.84 -13.16 -16.49
C LEU B 168 54.54 -12.67 -17.74
N SER B 169 55.50 -13.45 -18.25
CA SER B 169 56.30 -13.03 -19.38
C SER B 169 55.52 -13.09 -20.69
N SER B 170 54.65 -14.09 -20.83
CA SER B 170 53.94 -14.36 -22.07
C SER B 170 52.57 -13.69 -22.13
N VAL B 171 52.30 -12.72 -21.26
CA VAL B 171 51.02 -12.03 -21.23
C VAL B 171 51.30 -10.54 -21.18
N LYS B 172 51.10 -9.84 -22.29
CA LYS B 172 51.22 -8.39 -22.34
C LYS B 172 49.92 -7.77 -21.86
N PHE B 173 49.98 -7.01 -20.77
CA PHE B 173 48.80 -6.35 -20.20
C PHE B 173 48.66 -4.97 -20.83
N THR B 174 47.61 -4.81 -21.64
CA THR B 174 47.37 -3.55 -22.31
C THR B 174 46.62 -2.60 -21.37
N GLU B 175 46.66 -1.30 -21.68
CA GLU B 175 45.98 -0.31 -20.86
C GLU B 175 44.46 -0.35 -21.00
N ILE B 176 43.93 -1.08 -21.98
CA ILE B 176 42.49 -1.04 -22.26
C ILE B 176 41.72 -1.65 -21.10
N THR B 177 40.75 -0.91 -20.59
CA THR B 177 39.83 -1.41 -19.57
C THR B 177 38.42 -1.00 -19.94
N ILE B 178 37.46 -1.88 -19.68
CA ILE B 178 36.06 -1.68 -20.04
C ILE B 178 35.23 -1.70 -18.77
N PRO B 179 34.47 -0.66 -18.47
CA PRO B 179 33.68 -0.64 -17.24
C PRO B 179 32.35 -1.32 -17.44
N PRO B 180 31.62 -1.59 -16.36
CA PRO B 180 30.24 -2.09 -16.49
C PRO B 180 29.39 -1.13 -17.32
N SER B 181 28.38 -1.69 -17.97
CA SER B 181 27.54 -0.91 -18.87
C SER B 181 26.21 -1.61 -19.07
N ARG B 182 25.14 -0.82 -19.15
CA ARG B 182 23.83 -1.37 -19.48
C ARG B 182 23.71 -1.75 -20.95
N LEU B 183 24.59 -1.21 -21.79
CA LEU B 183 24.57 -1.55 -23.21
C LEU B 183 24.74 -3.04 -23.43
N PHE B 184 25.61 -3.68 -22.63
CA PHE B 184 25.85 -5.11 -22.78
C PHE B 184 24.63 -5.92 -22.35
N ILE B 185 23.97 -5.52 -21.26
CA ILE B 185 22.78 -6.24 -20.79
C ILE B 185 21.67 -6.13 -21.82
N GLU B 186 21.43 -4.92 -22.34
CA GLU B 186 20.33 -4.72 -23.27
C GLU B 186 20.62 -5.39 -24.62
N ALA B 187 21.88 -5.35 -25.08
CA ALA B 187 22.23 -6.07 -26.30
C ALA B 187 22.06 -7.57 -26.11
N SER B 188 22.40 -8.09 -24.92
CA SER B 188 22.21 -9.51 -24.64
C SER B 188 20.74 -9.89 -24.73
N ARG B 189 19.88 -9.08 -24.11
CA ARG B 189 18.45 -9.37 -24.19
C ARG B 189 17.95 -9.29 -25.63
N LEU B 190 18.51 -8.37 -26.43
CA LEU B 190 18.17 -8.33 -27.84
C LEU B 190 18.72 -9.54 -28.58
N GLY B 191 19.96 -9.93 -28.28
CA GLY B 191 20.63 -10.93 -29.07
C GLY B 191 21.45 -10.37 -30.21
N VAL B 192 21.96 -9.15 -30.07
CA VAL B 192 22.77 -8.51 -31.09
C VAL B 192 24.11 -8.11 -30.45
N PRO B 193 25.13 -7.81 -31.25
CA PRO B 193 26.33 -7.20 -30.70
C PRO B 193 26.02 -5.83 -30.11
N ALA B 194 26.73 -5.50 -29.02
CA ALA B 194 26.47 -4.24 -28.32
C ALA B 194 26.91 -3.03 -29.15
N LEU B 195 28.00 -3.17 -29.91
CA LEU B 195 28.40 -2.10 -30.82
C LEU B 195 27.27 -1.71 -31.74
N ARG B 196 26.66 -2.71 -32.40
CA ARG B 196 25.54 -2.43 -33.30
C ARG B 196 24.40 -1.75 -32.55
N TYR B 197 24.13 -2.18 -31.32
CA TYR B 197 23.06 -1.57 -30.54
C TYR B 197 23.32 -0.09 -30.31
N GLU B 198 24.53 0.25 -29.83
CA GLU B 198 24.85 1.64 -29.57
C GLU B 198 24.95 2.45 -30.86
N GLU B 199 25.09 1.80 -32.01
CA GLU B 199 25.07 2.55 -33.27
C GLU B 199 23.76 3.32 -33.46
N VAL B 200 22.66 2.85 -32.88
CA VAL B 200 21.39 3.55 -33.08
C VAL B 200 20.93 4.12 -31.75
N ARG B 201 21.33 3.47 -30.66
CA ARG B 201 20.80 3.82 -29.35
C ARG B 201 21.32 5.18 -28.89
N ILE B 202 22.62 5.28 -28.67
CA ILE B 202 23.23 6.53 -28.24
C ILE B 202 23.84 7.20 -29.46
N LYS B 203 23.96 8.53 -29.39
CA LYS B 203 24.48 9.27 -30.54
C LYS B 203 26.00 9.24 -30.57
N LYS B 204 26.64 9.50 -29.43
CA LYS B 204 28.10 9.52 -29.31
C LYS B 204 28.59 8.19 -28.75
N PRO B 205 29.03 7.25 -29.58
CA PRO B 205 29.30 5.89 -29.10
C PRO B 205 30.47 5.83 -28.13
N LYS B 206 30.27 5.18 -27.00
CA LYS B 206 31.30 5.02 -25.97
C LYS B 206 32.06 3.71 -26.08
N LEU B 207 31.43 2.65 -26.61
CA LEU B 207 32.01 1.32 -26.58
C LEU B 207 32.90 1.01 -27.78
N ALA B 208 32.78 1.77 -28.87
CA ALA B 208 33.58 1.48 -30.05
C ALA B 208 35.06 1.75 -29.81
N ASN B 209 35.38 2.68 -28.90
CA ASN B 209 36.77 3.02 -28.64
C ASN B 209 37.54 1.83 -28.08
N TYR B 210 36.90 1.05 -27.22
CA TYR B 210 37.59 -0.09 -26.61
C TYR B 210 38.02 -1.09 -27.67
N TYR B 211 37.13 -1.43 -28.59
CA TYR B 211 37.47 -2.41 -29.61
C TYR B 211 38.34 -1.81 -30.72
N GLN B 212 38.30 -0.50 -30.93
CA GLN B 212 39.27 0.12 -31.84
C GLN B 212 40.68 0.04 -31.25
N GLN B 213 40.83 0.43 -29.98
CA GLN B 213 42.11 0.26 -29.29
C GLN B 213 42.57 -1.18 -29.37
N LEU B 214 41.65 -2.12 -29.18
CA LEU B 214 42.02 -3.54 -29.08
C LEU B 214 42.51 -4.04 -30.43
N ALA B 215 41.76 -3.73 -31.49
CA ALA B 215 42.16 -4.08 -32.84
C ALA B 215 43.50 -3.47 -33.20
N LYS B 216 43.72 -2.22 -32.80
CA LYS B 216 45.01 -1.61 -33.11
C LYS B 216 46.15 -2.35 -32.42
N VAL B 217 46.00 -2.65 -31.12
CA VAL B 217 47.14 -3.27 -30.44
C VAL B 217 47.37 -4.70 -30.93
N ILE B 218 46.32 -5.40 -31.37
CA ILE B 218 46.56 -6.76 -31.88
C ILE B 218 47.10 -6.73 -33.30
N SER B 219 46.71 -5.74 -34.12
CA SER B 219 47.28 -5.64 -35.46
C SER B 219 48.70 -5.10 -35.43
N GLU B 220 49.10 -4.46 -34.33
CA GLU B 220 50.44 -3.91 -34.18
C GLU B 220 51.50 -5.02 -34.18
N MET C 1 2.20 22.39 37.04
CA MET C 1 3.65 22.28 37.09
C MET C 1 4.31 22.97 35.89
N ILE C 2 5.46 23.60 36.13
CA ILE C 2 6.15 24.39 35.12
C ILE C 2 7.26 23.54 34.50
N VAL C 3 7.18 23.35 33.18
CA VAL C 3 8.20 22.63 32.41
C VAL C 3 8.84 23.65 31.48
N THR C 4 10.11 23.98 31.72
CA THR C 4 10.83 24.92 30.90
C THR C 4 11.86 24.18 30.06
N VAL C 5 11.89 24.45 28.76
CA VAL C 5 12.84 23.80 27.86
C VAL C 5 13.97 24.78 27.53
N ILE C 6 15.21 24.38 27.83
CA ILE C 6 16.38 25.24 27.77
C ILE C 6 17.40 24.69 26.78
N ASN C 7 17.95 25.58 25.95
CA ASN C 7 19.13 25.30 25.15
C ASN C 7 19.65 26.59 24.52
N GLN C 8 20.90 26.95 24.83
CA GLN C 8 21.50 28.16 24.29
C GLN C 8 21.83 28.05 22.81
N LYS C 9 21.75 26.86 22.23
CA LYS C 9 22.04 26.63 20.82
C LYS C 9 20.75 26.25 20.11
N GLY C 10 20.50 26.88 18.96
CA GLY C 10 19.27 26.63 18.22
C GLY C 10 19.36 25.41 17.33
N GLY C 11 18.20 24.99 16.82
CA GLY C 11 18.11 23.84 15.95
C GLY C 11 18.22 22.50 16.62
N VAL C 12 18.27 22.46 17.96
CA VAL C 12 18.39 21.19 18.68
C VAL C 12 17.06 20.47 18.85
N GLY C 13 15.95 21.09 18.46
CA GLY C 13 14.64 20.51 18.68
C GLY C 13 13.96 20.98 19.94
N LYS C 14 14.29 22.17 20.43
CA LYS C 14 13.68 22.70 21.63
C LYS C 14 12.20 23.02 21.40
N THR C 15 11.88 23.74 20.32
CA THR C 15 10.50 24.07 20.01
C THR C 15 9.66 22.82 19.78
N THR C 16 10.22 21.86 19.05
CA THR C 16 9.53 20.59 18.84
C THR C 16 9.18 19.94 20.17
N THR C 17 10.12 19.93 21.11
CA THR C 17 9.86 19.35 22.42
C THR C 17 8.74 20.09 23.14
N SER C 18 8.85 21.42 23.23
CA SER C 18 7.80 22.20 23.88
C SER C 18 6.44 21.87 23.30
N VAL C 19 6.31 21.94 21.96
CA VAL C 19 5.03 21.77 21.31
C VAL C 19 4.47 20.38 21.58
N ASN C 20 5.25 19.34 21.29
CA ASN C 20 4.72 17.99 21.34
C ASN C 20 4.51 17.52 22.77
N LEU C 21 5.42 17.88 23.68
CA LEU C 21 5.22 17.52 25.08
C LEU C 21 3.99 18.21 25.66
N SER C 22 3.79 19.49 25.33
CA SER C 22 2.58 20.17 25.78
C SER C 22 1.33 19.49 25.22
N TYR C 23 1.36 19.10 23.95
CA TYR C 23 0.19 18.46 23.36
C TYR C 23 -0.08 17.11 24.02
N TYR C 24 0.96 16.29 24.20
CA TYR C 24 0.77 15.01 24.87
C TYR C 24 0.19 15.21 26.26
N LEU C 25 0.66 16.23 26.97
CA LEU C 25 0.19 16.46 28.33
C LEU C 25 -1.24 16.97 28.34
N SER C 26 -1.63 17.73 27.31
CA SER C 26 -2.98 18.26 27.24
C SER C 26 -4.04 17.18 27.28
N LYS C 27 -3.67 15.93 27.06
CA LYS C 27 -4.74 14.94 26.83
C LYS C 27 -5.52 14.61 28.08
N GLU C 28 -4.85 14.49 29.22
CA GLU C 28 -5.53 14.18 30.45
C GLU C 28 -5.56 15.34 31.44
N LYS C 29 -4.73 16.37 31.23
CA LYS C 29 -4.60 17.46 32.18
C LYS C 29 -4.65 18.80 31.43
N LYS C 30 -5.04 19.84 32.17
CA LYS C 30 -5.16 21.20 31.62
C LYS C 30 -3.78 21.79 31.37
N THR C 31 -3.38 21.89 30.11
CA THR C 31 -2.02 22.26 29.72
C THR C 31 -1.99 23.62 29.04
N GLY C 32 -0.97 24.41 29.36
CA GLY C 32 -0.68 25.62 28.64
C GLY C 32 0.72 25.57 28.06
N LEU C 33 0.94 26.31 26.97
CA LEU C 33 2.24 26.44 26.33
C LEU C 33 2.53 27.92 26.16
N LEU C 34 3.47 28.43 26.94
CA LEU C 34 3.89 29.83 26.89
C LEU C 34 5.13 29.94 26.01
N ASP C 35 5.02 30.74 24.95
CA ASP C 35 6.08 30.88 23.94
C ASP C 35 6.84 32.18 24.20
N LEU C 36 8.05 32.05 24.74
CA LEU C 36 8.89 33.19 25.10
C LEU C 36 9.94 33.51 24.04
N ASP C 37 10.06 32.71 22.99
CA ASP C 37 11.00 33.01 21.91
C ASP C 37 10.38 34.02 20.94
N PRO C 38 11.03 35.16 20.70
CA PRO C 38 10.48 36.11 19.71
C PRO C 38 10.32 35.53 18.32
N GLU C 39 11.09 34.50 17.96
CA GLU C 39 10.93 33.84 16.68
C GLU C 39 9.53 33.25 16.53
N GLY C 40 8.93 32.79 17.62
CA GLY C 40 7.58 32.27 17.58
C GLY C 40 7.46 30.92 16.92
N GLY C 41 8.46 30.05 17.13
CA GLY C 41 8.39 28.71 16.55
C GLY C 41 7.18 27.93 17.06
N ALA C 42 6.98 27.91 18.38
CA ALA C 42 5.88 27.15 18.95
C ALA C 42 4.54 27.76 18.60
N THR C 43 4.48 29.09 18.45
CA THR C 43 3.28 29.74 17.95
C THR C 43 2.95 29.26 16.55
N ILE C 44 3.98 29.09 15.71
CA ILE C 44 3.76 28.63 14.34
C ILE C 44 3.36 27.16 14.31
N SER C 45 3.87 26.36 15.24
CA SER C 45 3.51 24.94 15.28
C SER C 45 2.05 24.70 15.68
N TYR C 46 1.28 25.75 15.97
CA TYR C 46 -0.14 25.61 16.26
C TYR C 46 -0.98 26.38 15.24
N GLY C 47 -0.43 26.57 14.05
CA GLY C 47 -1.11 27.24 12.98
C GLY C 47 -1.24 28.74 13.12
N MET C 48 -0.44 29.37 13.97
CA MET C 48 -0.64 30.80 14.18
C MET C 48 0.61 31.58 13.74
N LYS C 49 0.66 32.84 14.16
CA LYS C 49 1.73 33.74 13.77
C LYS C 49 2.04 34.68 14.91
N ARG C 50 3.30 35.11 14.95
CA ARG C 50 3.74 36.15 15.85
C ARG C 50 2.90 37.41 15.70
N GLU C 51 2.46 37.94 16.82
CA GLU C 51 1.74 39.20 16.82
C GLU C 51 2.71 40.36 16.64
N LEU C 52 2.47 41.19 15.63
CA LEU C 52 3.28 42.38 15.41
C LEU C 52 2.88 43.55 16.30
N LYS C 53 2.55 43.27 17.57
CA LYS C 53 2.24 44.28 18.55
C LYS C 53 2.99 43.99 19.84
N GLU C 54 3.41 45.04 20.53
CA GLU C 54 4.20 44.91 21.76
C GLU C 54 3.22 44.76 22.92
N LEU C 55 2.84 43.46 23.23
CA LEU C 55 1.82 43.06 24.19
C LEU C 55 2.45 42.71 25.53
N PRO C 56 1.70 42.86 26.63
CA PRO C 56 2.23 42.44 27.93
C PRO C 56 2.36 40.94 27.99
N LEU C 57 3.32 40.48 28.79
CA LEU C 57 3.57 39.04 28.90
C LEU C 57 2.34 38.33 29.45
N GLY C 58 1.86 37.34 28.72
CA GLY C 58 0.82 36.45 29.21
C GLY C 58 -0.59 36.94 29.10
N GLU C 59 -0.82 38.17 28.63
CA GLU C 59 -2.18 38.70 28.59
C GLU C 59 -3.07 37.97 27.59
N LYS C 60 -2.51 37.52 26.46
CA LYS C 60 -3.27 36.93 25.37
C LYS C 60 -2.95 35.44 25.22
N SER C 61 -4.00 34.63 25.03
CA SER C 61 -3.82 33.20 24.76
C SER C 61 -4.99 32.68 23.94
N VAL C 62 -4.74 31.60 23.20
CA VAL C 62 -5.72 30.95 22.34
C VAL C 62 -5.62 29.44 22.56
N ASN C 63 -6.77 28.77 22.65
CA ASN C 63 -6.81 27.33 22.89
C ASN C 63 -6.87 26.57 21.56
N ILE C 64 -5.76 25.96 21.16
CA ILE C 64 -5.65 25.20 19.92
C ILE C 64 -5.36 23.75 20.27
N PHE C 65 -6.15 22.84 19.71
CA PHE C 65 -5.98 21.40 19.92
C PHE C 65 -5.98 21.07 21.40
N ASN C 66 -6.82 21.77 22.16
CA ASN C 66 -6.95 21.60 23.61
C ASN C 66 -5.66 21.95 24.33
N VAL C 67 -4.93 22.94 23.84
CA VAL C 67 -3.76 23.50 24.51
C VAL C 67 -3.93 25.01 24.56
N GLU C 68 -3.79 25.62 25.73
CA GLU C 68 -3.85 27.07 25.83
C GLU C 68 -2.47 27.63 25.48
N VAL C 69 -2.34 28.12 24.25
CA VAL C 69 -1.07 28.65 23.77
C VAL C 69 -1.03 30.15 24.00
N PHE C 70 0.01 30.61 24.67
CA PHE C 70 0.28 32.04 24.78
C PHE C 70 1.24 32.39 23.63
N PRO C 71 0.74 33.02 22.56
CA PRO C 71 1.55 33.17 21.36
C PRO C 71 2.65 34.20 21.56
N ALA C 72 3.67 34.08 20.71
CA ALA C 72 4.80 35.00 20.75
C ALA C 72 4.43 36.35 20.14
N HIS C 73 5.15 37.38 20.59
CA HIS C 73 4.88 38.75 20.15
C HIS C 73 6.17 39.53 20.28
N ILE C 74 6.23 40.66 19.57
CA ILE C 74 7.46 41.45 19.52
C ILE C 74 7.73 42.15 20.84
N GLY C 75 6.74 42.24 21.73
CA GLY C 75 7.01 42.76 23.06
C GLY C 75 8.11 42.00 23.78
N LEU C 76 8.15 40.67 23.59
CA LEU C 76 9.23 39.86 24.13
C LEU C 76 10.59 40.47 23.82
N LEU C 77 10.76 40.96 22.59
CA LEU C 77 12.05 41.53 22.20
C LEU C 77 12.54 42.54 23.23
N LYS C 78 11.67 43.49 23.60
CA LYS C 78 12.13 44.50 24.56
C LYS C 78 12.40 43.88 25.92
N LEU C 79 11.51 42.99 26.38
CA LEU C 79 11.76 42.19 27.57
C LEU C 79 13.09 41.50 27.49
N GLU C 80 13.41 41.03 26.29
CA GLU C 80 14.62 40.23 26.07
C GLU C 80 15.87 41.11 26.03
N LEU C 81 15.69 42.43 26.06
CA LEU C 81 16.83 43.35 26.19
C LEU C 81 16.93 43.92 27.59
N ASN C 82 15.88 44.60 28.05
CA ASN C 82 15.93 45.36 29.30
C ASN C 82 14.84 44.90 30.26
N GLY C 83 14.58 43.59 30.28
CA GLY C 83 13.54 43.06 31.15
C GLY C 83 13.99 42.94 32.60
N ASP C 84 12.99 42.84 33.48
CA ASP C 84 13.17 42.68 34.92
C ASP C 84 12.82 41.23 35.26
N VAL C 85 13.82 40.44 35.62
CA VAL C 85 13.59 38.99 35.63
C VAL C 85 12.69 38.61 36.79
N GLU C 86 12.70 39.38 37.87
CA GLU C 86 11.78 39.10 38.97
C GLU C 86 10.34 39.24 38.49
N GLU C 87 10.10 40.20 37.60
CA GLU C 87 8.71 40.52 37.37
C GLU C 87 8.15 39.52 36.38
N ILE C 88 8.98 39.14 35.39
CA ILE C 88 8.64 38.07 34.45
C ILE C 88 8.51 36.74 35.17
N SER C 89 9.37 36.50 36.16
CA SER C 89 9.28 35.25 36.93
C SER C 89 7.95 35.16 37.67
N ASN C 90 7.59 36.23 38.39
CA ASN C 90 6.31 36.23 39.10
C ASN C 90 5.16 36.07 38.12
N LYS C 91 5.27 36.68 36.93
CA LYS C 91 4.22 36.56 35.93
C LYS C 91 4.09 35.13 35.43
N ILE C 92 5.21 34.46 35.19
CA ILE C 92 5.18 33.07 34.77
C ILE C 92 4.52 32.20 35.83
N LYS C 93 4.91 32.40 37.10
CA LYS C 93 4.31 31.61 38.17
C LYS C 93 2.81 31.87 38.28
N GLU C 94 2.40 33.13 38.16
CA GLU C 94 0.99 33.46 38.25
C GLU C 94 0.19 32.85 37.11
N ILE C 95 0.80 32.70 35.94
CA ILE C 95 0.12 32.01 34.85
C ILE C 95 0.08 30.50 35.10
N GLY C 96 1.20 29.94 35.57
CA GLY C 96 1.26 28.50 35.77
C GLY C 96 0.30 28.02 36.82
N LYS C 97 -0.05 28.88 37.79
CA LYS C 97 -0.98 28.43 38.82
C LYS C 97 -2.39 28.18 38.29
N GLN C 98 -2.63 28.26 36.98
CA GLN C 98 -3.90 27.90 36.38
C GLN C 98 -3.80 26.66 35.49
N PHE C 99 -2.68 25.95 35.53
CA PHE C 99 -2.48 24.80 34.66
C PHE C 99 -1.88 23.64 35.44
N ASP C 100 -2.34 22.43 35.14
CA ASP C 100 -1.64 21.26 35.63
C ASP C 100 -0.23 21.22 35.08
N PHE C 101 -0.04 21.71 33.86
CA PHE C 101 1.25 21.77 33.22
C PHE C 101 1.33 23.06 32.41
N LEU C 102 2.40 23.81 32.63
CA LEU C 102 2.76 24.95 31.77
C LEU C 102 4.10 24.62 31.16
N VAL C 103 4.12 24.35 29.87
CA VAL C 103 5.36 24.16 29.13
C VAL C 103 5.80 25.51 28.58
N ILE C 104 7.08 25.85 28.77
CA ILE C 104 7.62 27.13 28.34
C ILE C 104 8.67 26.89 27.27
N ASP C 105 8.54 27.60 26.14
CA ASP C 105 9.56 27.59 25.10
C ASP C 105 10.42 28.83 25.26
N THR C 106 11.74 28.65 25.16
CA THR C 106 12.69 29.73 25.42
C THR C 106 13.50 30.07 24.17
N PRO C 107 13.95 31.31 24.03
CA PRO C 107 14.75 31.70 22.84
C PRO C 107 16.14 31.08 22.88
N PRO C 108 16.80 30.96 21.73
CA PRO C 108 18.08 30.24 21.69
C PRO C 108 19.21 30.93 22.41
N ASN C 109 19.13 31.03 23.74
CA ASN C 109 20.16 31.63 24.56
C ASN C 109 19.83 31.35 26.02
N LEU C 110 20.58 31.97 26.92
CA LEU C 110 20.36 31.90 28.36
C LEU C 110 20.23 33.30 28.94
N GLY C 111 19.42 34.15 28.29
CA GLY C 111 19.24 35.53 28.70
C GLY C 111 18.09 35.72 29.67
N THR C 112 17.61 36.97 29.72
CA THR C 112 16.63 37.36 30.75
C THR C 112 15.42 36.43 30.78
N LEU C 113 14.88 36.09 29.60
CA LEU C 113 13.70 35.22 29.57
C LEU C 113 14.04 33.78 29.94
N ALA C 114 15.22 33.30 29.54
CA ALA C 114 15.64 31.96 29.94
C ALA C 114 15.86 31.87 31.44
N ILE C 115 16.48 32.90 32.03
CA ILE C 115 16.66 32.93 33.47
C ILE C 115 15.33 33.00 34.19
N SER C 116 14.42 33.85 33.70
CA SER C 116 13.10 33.95 34.31
C SER C 116 12.38 32.60 34.28
N ALA C 117 12.43 31.92 33.14
CA ALA C 117 11.77 30.62 33.01
C ALA C 117 12.48 29.53 33.80
N MET C 118 13.78 29.68 34.09
CA MET C 118 14.51 28.65 34.84
C MET C 118 14.35 28.77 36.35
N LEU C 119 14.33 29.99 36.89
CA LEU C 119 14.32 30.10 38.36
C LEU C 119 12.99 29.68 38.96
N VAL C 120 11.90 29.75 38.19
CA VAL C 120 10.58 29.33 38.68
C VAL C 120 10.15 28.00 38.08
N ALA C 121 10.92 27.42 37.18
CA ALA C 121 10.55 26.13 36.62
C ALA C 121 10.56 25.06 37.70
N ASP C 122 9.55 24.18 37.65
CA ASP C 122 9.61 22.96 38.45
C ASP C 122 10.52 21.94 37.80
N ARG C 123 10.56 21.87 36.47
CA ARG C 123 11.54 21.05 35.78
C ARG C 123 12.12 21.80 34.59
N ILE C 124 13.41 21.60 34.35
CA ILE C 124 14.13 22.12 33.21
C ILE C 124 14.48 20.94 32.31
N VAL C 125 14.27 21.10 31.00
CA VAL C 125 14.43 20.02 30.03
C VAL C 125 15.29 20.52 28.89
N SER C 126 16.39 19.84 28.63
CA SER C 126 17.30 20.21 27.54
C SER C 126 17.40 19.08 26.53
N PRO C 127 17.09 19.33 25.26
CA PRO C 127 17.45 18.36 24.23
C PRO C 127 18.94 18.44 23.93
N VAL C 128 19.47 17.34 23.41
CA VAL C 128 20.88 17.22 23.10
C VAL C 128 21.02 16.36 21.85
N THR C 129 22.08 16.60 21.11
CA THR C 129 22.33 15.98 19.81
C THR C 129 23.80 15.60 19.75
N PRO C 130 24.17 14.71 18.81
CA PRO C 130 25.57 14.26 18.74
C PRO C 130 26.56 15.27 18.18
N GLN C 131 26.12 16.32 17.47
CA GLN C 131 27.09 17.26 16.93
C GLN C 131 27.72 18.09 18.04
N PRO C 132 28.96 18.53 17.88
CA PRO C 132 29.73 19.05 19.03
C PRO C 132 29.21 20.35 19.60
N LEU C 133 28.45 21.14 18.82
CA LEU C 133 27.96 22.40 19.33
C LEU C 133 26.91 22.20 20.43
N ALA C 134 26.02 21.23 20.25
CA ALA C 134 25.09 20.92 21.33
C ALA C 134 25.82 20.38 22.55
N LEU C 135 26.96 19.71 22.33
CA LEU C 135 27.72 19.16 23.45
C LEU C 135 28.39 20.26 24.26
N GLU C 136 28.92 21.29 23.59
CA GLU C 136 29.42 22.45 24.33
C GLU C 136 28.28 23.21 25.02
N ALA C 137 27.11 23.28 24.36
CA ALA C 137 25.97 23.97 24.95
C ALA C 137 25.54 23.31 26.27
N ILE C 138 25.40 21.98 26.27
CA ILE C 138 24.92 21.30 27.48
C ILE C 138 25.96 21.40 28.60
N LYS C 139 27.25 21.37 28.24
CA LYS C 139 28.29 21.52 29.25
C LYS C 139 28.24 22.89 29.90
N ASN C 140 27.97 23.94 29.11
CA ASN C 140 27.83 25.27 29.71
C ASN C 140 26.53 25.40 30.50
N LEU C 141 25.47 24.72 30.06
CA LEU C 141 24.23 24.73 30.82
C LEU C 141 24.40 24.11 32.19
N ASP C 142 25.28 23.12 32.32
CA ASP C 142 25.53 22.56 33.65
C ASP C 142 26.11 23.61 34.60
N SER C 143 26.98 24.48 34.09
CA SER C 143 27.50 25.57 34.92
C SER C 143 26.41 26.59 35.26
N ARG C 144 25.54 26.88 34.29
CA ARG C 144 24.37 27.71 34.58
C ARG C 144 23.57 27.14 35.74
N LEU C 145 23.21 25.86 35.61
CA LEU C 145 22.38 25.20 36.62
C LEU C 145 23.04 25.23 37.99
N LYS C 146 24.35 24.96 38.06
CA LYS C 146 25.04 25.01 39.35
C LYS C 146 25.01 26.41 39.96
N SER C 147 25.37 27.44 39.18
CA SER C 147 25.41 28.77 39.76
C SER C 147 24.03 29.24 40.21
N ILE C 148 22.95 28.70 39.62
CA ILE C 148 21.62 28.97 40.14
C ILE C 148 21.09 27.84 41.03
N GLY C 149 21.85 26.76 41.17
CA GLY C 149 21.46 25.64 42.02
C GLY C 149 20.19 24.95 41.60
N LYS C 150 20.10 24.51 40.34
CA LYS C 150 18.88 23.93 39.81
C LYS C 150 19.21 22.70 38.97
N ASN C 151 18.22 21.81 38.84
CA ASN C 151 18.36 20.60 38.06
C ASN C 151 17.87 20.79 36.62
N ALA C 152 18.21 19.83 35.78
CA ALA C 152 17.65 19.76 34.43
C ALA C 152 17.80 18.34 33.90
N TYR C 153 16.72 17.78 33.42
CA TYR C 153 16.76 16.55 32.65
C TYR C 153 17.20 16.86 31.22
N SER C 154 17.74 15.84 30.56
CA SER C 154 18.20 15.99 29.19
C SER C 154 17.83 14.74 28.43
N PHE C 155 17.60 14.91 27.13
CA PHE C 155 17.30 13.76 26.30
C PHE C 155 17.88 13.98 24.92
N THR C 156 18.12 12.88 24.23
CA THR C 156 18.89 12.92 22.99
C THR C 156 17.95 13.01 21.80
N ASN C 157 18.19 13.98 20.92
CA ASN C 157 17.39 14.17 19.73
C ASN C 157 18.26 14.06 18.48
N PHE C 158 17.60 13.84 17.34
CA PHE C 158 18.27 13.73 16.04
C PHE C 158 19.23 12.54 15.99
N SER C 159 18.92 11.47 16.72
CA SER C 159 19.86 10.36 16.82
C SER C 159 19.12 9.07 17.10
N LYS C 160 19.80 7.96 16.81
CA LYS C 160 19.37 6.64 17.21
C LYS C 160 20.06 6.15 18.47
N LYS C 161 21.30 6.60 18.71
CA LYS C 161 22.05 6.26 19.90
C LYS C 161 21.93 7.39 20.91
N VAL C 162 21.73 7.01 22.18
CA VAL C 162 21.50 7.99 23.24
C VAL C 162 22.82 8.62 23.64
N VAL C 163 22.80 9.92 23.92
CA VAL C 163 23.99 10.68 24.30
C VAL C 163 24.01 10.84 25.82
N LYS C 164 25.17 10.54 26.42
CA LYS C 164 25.37 10.64 27.85
C LYS C 164 26.73 11.28 28.12
N LEU C 165 26.75 12.23 29.06
CA LEU C 165 27.98 12.90 29.50
C LEU C 165 27.98 12.91 31.02
N ASP C 166 28.98 12.26 31.63
CA ASP C 166 28.86 11.87 33.03
C ASP C 166 29.56 12.79 34.03
N ASN C 167 30.28 13.81 33.59
CA ASN C 167 30.78 14.75 34.60
C ASN C 167 29.73 15.79 34.98
N LEU C 168 28.60 15.82 34.27
CA LEU C 168 27.58 16.84 34.45
C LEU C 168 26.63 16.37 35.56
N SER C 169 26.92 16.82 36.78
CA SER C 169 26.15 16.35 37.93
C SER C 169 24.81 17.06 38.09
N SER C 170 24.62 18.20 37.45
CA SER C 170 23.36 18.92 37.50
C SER C 170 22.47 18.65 36.30
N VAL C 171 22.89 17.75 35.41
CA VAL C 171 22.12 17.35 34.23
C VAL C 171 22.03 15.83 34.25
N LYS C 172 20.82 15.30 34.40
CA LYS C 172 20.60 13.86 34.39
C LYS C 172 20.19 13.43 32.99
N PHE C 173 21.06 12.68 32.32
CA PHE C 173 20.83 12.22 30.96
C PHE C 173 19.94 10.99 30.99
N THR C 174 18.69 11.13 30.52
CA THR C 174 17.77 10.02 30.49
C THR C 174 18.07 9.11 29.30
N GLU C 175 17.32 8.01 29.20
CA GLU C 175 17.51 7.05 28.12
C GLU C 175 16.78 7.43 26.84
N ILE C 176 15.97 8.49 26.87
CA ILE C 176 15.08 8.78 25.75
C ILE C 176 15.88 9.29 24.56
N THR C 177 15.57 8.75 23.38
CA THR C 177 16.25 9.12 22.15
C THR C 177 15.24 9.09 21.00
N ILE C 178 15.23 10.15 20.20
CA ILE C 178 14.28 10.34 19.12
C ILE C 178 15.04 10.35 17.79
N PRO C 179 14.73 9.47 16.86
CA PRO C 179 15.41 9.47 15.56
C PRO C 179 14.73 10.44 14.60
N PRO C 180 15.41 10.80 13.52
CA PRO C 180 14.75 11.60 12.48
C PRO C 180 13.52 10.90 11.92
N SER C 181 12.60 11.68 11.35
CA SER C 181 11.33 11.13 10.89
C SER C 181 10.67 12.11 9.94
N ARG C 182 9.90 11.56 8.99
CA ARG C 182 9.07 12.40 8.13
C ARG C 182 8.08 13.21 8.95
N LEU C 183 7.57 12.61 10.03
CA LEU C 183 6.43 13.17 10.76
C LEU C 183 6.68 14.61 11.20
N PHE C 184 7.90 14.90 11.68
CA PHE C 184 8.18 16.25 12.17
C PHE C 184 8.12 17.27 11.04
N ILE C 185 8.77 16.97 9.90
CA ILE C 185 8.79 17.92 8.79
C ILE C 185 7.41 18.06 8.17
N GLU C 186 6.66 16.96 8.07
CA GLU C 186 5.32 17.04 7.48
C GLU C 186 4.38 17.84 8.38
N ALA C 187 4.39 17.56 9.68
CA ALA C 187 3.54 18.32 10.60
C ALA C 187 3.94 19.77 10.65
N SER C 188 5.23 20.09 10.48
CA SER C 188 5.65 21.48 10.48
C SER C 188 5.23 22.19 9.20
N ARG C 189 5.22 21.48 8.08
CA ARG C 189 4.61 22.04 6.87
C ARG C 189 3.13 22.31 7.11
N LEU C 190 2.46 21.41 7.84
CA LEU C 190 1.07 21.66 8.20
C LEU C 190 0.92 22.80 9.18
N GLY C 191 1.87 22.93 10.11
CA GLY C 191 1.70 23.85 11.21
C GLY C 191 0.91 23.27 12.35
N VAL C 192 1.07 21.99 12.62
CA VAL C 192 0.38 21.31 13.72
C VAL C 192 1.40 20.52 14.52
N PRO C 193 1.05 20.14 15.76
CA PRO C 193 1.94 19.25 16.51
C PRO C 193 2.10 17.91 15.82
N ALA C 194 3.32 17.35 15.91
CA ALA C 194 3.63 16.11 15.22
C ALA C 194 2.80 14.95 15.76
N LEU C 195 2.55 14.92 17.08
CA LEU C 195 1.73 13.85 17.66
C LEU C 195 0.33 13.87 17.08
N ARG C 196 -0.29 15.05 17.02
CA ARG C 196 -1.65 15.14 16.49
C ARG C 196 -1.71 14.71 15.02
N TYR C 197 -0.71 15.10 14.24
CA TYR C 197 -0.66 14.65 12.84
C TYR C 197 -0.52 13.14 12.77
N GLU C 198 0.31 12.56 13.64
CA GLU C 198 0.46 11.11 13.69
C GLU C 198 -0.85 10.42 14.04
N GLU C 199 -1.68 11.07 14.87
CA GLU C 199 -2.95 10.46 15.30
C GLU C 199 -3.82 10.02 14.13
N VAL C 200 -3.75 10.72 13.01
CA VAL C 200 -4.58 10.39 11.86
C VAL C 200 -3.76 9.94 10.65
N ARG C 201 -2.45 10.18 10.64
CA ARG C 201 -1.66 9.81 9.47
C ARG C 201 -1.29 8.33 9.46
N ILE C 202 -1.12 7.71 10.64
CA ILE C 202 -0.79 6.31 10.74
C ILE C 202 -1.69 5.66 11.79
N LYS C 203 -1.62 4.33 11.86
CA LYS C 203 -2.48 3.55 12.74
C LYS C 203 -1.87 3.38 14.13
N LYS C 204 -0.67 2.80 14.22
CA LYS C 204 0.02 2.65 15.48
C LYS C 204 1.06 3.74 15.62
N PRO C 205 0.84 4.76 16.46
CA PRO C 205 1.79 5.88 16.53
C PRO C 205 3.11 5.48 17.19
N LYS C 206 4.19 6.04 16.66
CA LYS C 206 5.53 5.80 17.20
C LYS C 206 6.12 6.99 17.93
N LEU C 207 5.68 8.22 17.61
CA LEU C 207 6.21 9.40 18.28
C LEU C 207 5.67 9.55 19.70
N ALA C 208 4.47 9.04 19.97
CA ALA C 208 3.87 9.21 21.28
C ALA C 208 4.72 8.61 22.38
N ASN C 209 5.47 7.54 22.07
CA ASN C 209 6.26 6.86 23.11
C ASN C 209 7.34 7.77 23.66
N TYR C 210 8.00 8.54 22.79
CA TYR C 210 9.09 9.41 23.25
C TYR C 210 8.59 10.42 24.27
N TYR C 211 7.54 11.17 23.92
CA TYR C 211 7.01 12.19 24.82
C TYR C 211 6.29 11.59 26.01
N GLN C 212 5.77 10.36 25.88
CA GLN C 212 5.23 9.63 27.02
C GLN C 212 6.31 9.34 28.05
N GLN C 213 7.45 8.81 27.59
CA GLN C 213 8.56 8.54 28.49
C GLN C 213 9.10 9.83 29.09
N LEU C 214 9.16 10.91 28.30
CA LEU C 214 9.61 12.19 28.81
C LEU C 214 8.69 12.69 29.93
N ALA C 215 7.37 12.62 29.71
CA ALA C 215 6.42 13.03 30.71
C ALA C 215 6.56 12.19 31.98
N LYS C 216 6.68 10.87 31.82
CA LYS C 216 6.82 10.01 33.00
C LYS C 216 8.09 10.35 33.78
N VAL C 217 9.19 10.62 33.07
CA VAL C 217 10.45 10.88 33.75
C VAL C 217 10.40 12.21 34.49
N ILE C 218 9.87 13.26 33.85
CA ILE C 218 9.85 14.55 34.54
C ILE C 218 8.81 14.58 35.64
N SER C 219 7.74 13.78 35.52
CA SER C 219 6.72 13.75 36.56
C SER C 219 7.23 13.13 37.85
N GLU C 220 8.32 12.36 37.79
CA GLU C 220 8.95 11.83 38.99
C GLU C 220 9.62 12.96 39.77
N MET D 1 -31.45 -50.16 2.45
CA MET D 1 -32.22 -49.06 1.85
C MET D 1 -31.34 -48.15 1.01
N ILE D 2 -31.81 -47.74 -0.16
CA ILE D 2 -31.02 -46.91 -1.05
C ILE D 2 -31.62 -45.50 -1.07
N VAL D 3 -30.79 -44.51 -0.73
CA VAL D 3 -31.18 -43.11 -0.69
C VAL D 3 -30.28 -42.35 -1.65
N THR D 4 -30.87 -41.75 -2.67
CA THR D 4 -30.10 -41.08 -3.72
C THR D 4 -30.36 -39.58 -3.66
N VAL D 5 -29.29 -38.80 -3.48
CA VAL D 5 -29.38 -37.35 -3.48
C VAL D 5 -29.16 -36.86 -4.89
N ILE D 6 -30.12 -36.11 -5.43
CA ILE D 6 -30.16 -35.77 -6.84
C ILE D 6 -30.35 -34.27 -7.00
N ASN D 7 -29.58 -33.67 -7.90
CA ASN D 7 -29.78 -32.29 -8.30
C ASN D 7 -29.03 -32.03 -9.59
N GLN D 8 -29.67 -31.31 -10.51
CA GLN D 8 -29.04 -30.97 -11.77
C GLN D 8 -28.08 -29.81 -11.64
N LYS D 9 -28.39 -28.85 -10.77
CA LYS D 9 -27.54 -27.69 -10.55
C LYS D 9 -26.53 -28.01 -9.45
N GLY D 10 -25.24 -27.88 -9.77
CA GLY D 10 -24.22 -28.06 -8.75
C GLY D 10 -24.22 -26.93 -7.75
N GLY D 11 -23.65 -27.22 -6.58
CA GLY D 11 -23.51 -26.20 -5.55
C GLY D 11 -24.78 -25.86 -4.81
N VAL D 12 -25.57 -26.86 -4.43
CA VAL D 12 -26.75 -26.65 -3.60
C VAL D 12 -26.69 -27.41 -2.29
N GLY D 13 -25.58 -28.09 -2.00
CA GLY D 13 -25.50 -28.94 -0.83
C GLY D 13 -25.88 -30.38 -1.05
N LYS D 14 -25.78 -30.89 -2.29
CA LYS D 14 -26.08 -32.28 -2.55
C LYS D 14 -25.06 -33.20 -1.87
N THR D 15 -23.78 -32.97 -2.12
CA THR D 15 -22.74 -33.70 -1.42
C THR D 15 -22.91 -33.56 0.10
N THR D 16 -22.95 -32.32 0.59
CA THR D 16 -23.09 -32.06 2.02
C THR D 16 -24.21 -32.91 2.62
N THR D 17 -25.37 -32.94 1.95
CA THR D 17 -26.47 -33.76 2.41
C THR D 17 -26.07 -35.23 2.45
N SER D 18 -25.49 -35.73 1.36
CA SER D 18 -25.07 -37.13 1.31
C SER D 18 -24.16 -37.48 2.47
N VAL D 19 -23.10 -36.69 2.63
CA VAL D 19 -22.08 -36.92 3.65
C VAL D 19 -22.71 -36.95 5.03
N ASN D 20 -23.41 -35.87 5.39
CA ASN D 20 -23.89 -35.76 6.76
C ASN D 20 -24.99 -36.80 7.04
N LEU D 21 -25.87 -37.04 6.07
CA LEU D 21 -26.96 -37.99 6.30
C LEU D 21 -26.42 -39.41 6.43
N SER D 22 -25.41 -39.77 5.63
CA SER D 22 -24.79 -41.08 5.78
C SER D 22 -24.10 -41.20 7.14
N TYR D 23 -23.40 -40.15 7.56
CA TYR D 23 -22.77 -40.22 8.89
C TYR D 23 -23.82 -40.32 10.00
N TYR D 24 -24.95 -39.64 9.84
CA TYR D 24 -26.02 -39.72 10.83
C TYR D 24 -26.59 -41.13 10.90
N LEU D 25 -26.91 -41.72 9.74
CA LEU D 25 -27.43 -43.07 9.73
C LEU D 25 -26.39 -44.09 10.16
N SER D 26 -25.11 -43.72 10.21
CA SER D 26 -24.10 -44.64 10.70
C SER D 26 -24.08 -44.77 12.22
N LYS D 27 -24.69 -43.82 12.93
CA LYS D 27 -24.70 -43.90 14.40
C LYS D 27 -25.46 -45.12 14.88
N GLU D 28 -26.53 -45.50 14.18
CA GLU D 28 -27.42 -46.58 14.59
C GLU D 28 -27.31 -47.83 13.73
N LYS D 29 -27.18 -47.69 12.41
CA LYS D 29 -27.26 -48.82 11.50
C LYS D 29 -26.03 -48.84 10.59
N LYS D 30 -25.90 -49.94 9.86
CA LYS D 30 -24.77 -50.15 8.96
C LYS D 30 -24.98 -49.37 7.67
N THR D 31 -24.14 -48.37 7.45
CA THR D 31 -24.37 -47.37 6.41
C THR D 31 -23.18 -47.30 5.47
N GLY D 32 -23.47 -47.13 4.18
CA GLY D 32 -22.45 -46.94 3.19
C GLY D 32 -22.73 -45.71 2.34
N LEU D 33 -21.65 -45.16 1.78
CA LEU D 33 -21.71 -43.98 0.93
C LEU D 33 -21.06 -44.31 -0.40
N LEU D 34 -21.85 -44.27 -1.47
CA LEU D 34 -21.39 -44.53 -2.83
C LEU D 34 -21.25 -43.20 -3.54
N ASP D 35 -20.00 -42.80 -3.80
CA ASP D 35 -19.71 -41.58 -4.54
C ASP D 35 -19.68 -41.90 -6.02
N LEU D 36 -20.73 -41.52 -6.73
CA LEU D 36 -20.83 -41.69 -8.17
C LEU D 36 -20.48 -40.41 -8.92
N ASP D 37 -20.15 -39.34 -8.22
CA ASP D 37 -19.68 -38.12 -8.88
C ASP D 37 -18.20 -38.27 -9.22
N PRO D 38 -17.83 -38.28 -10.50
CA PRO D 38 -16.40 -38.32 -10.84
C PRO D 38 -15.59 -37.24 -10.15
N GLU D 39 -16.20 -36.09 -9.82
CA GLU D 39 -15.47 -35.03 -9.13
C GLU D 39 -15.07 -35.45 -7.71
N GLY D 40 -15.88 -36.26 -7.05
CA GLY D 40 -15.50 -36.78 -5.75
C GLY D 40 -15.74 -35.84 -4.58
N GLY D 41 -16.86 -35.13 -4.58
CA GLY D 41 -17.16 -34.24 -3.46
C GLY D 41 -17.23 -34.97 -2.14
N ALA D 42 -17.98 -36.08 -2.10
CA ALA D 42 -18.11 -36.83 -0.86
C ALA D 42 -16.80 -37.48 -0.44
N THR D 43 -16.08 -38.05 -1.42
CA THR D 43 -14.76 -38.60 -1.16
C THR D 43 -13.86 -37.58 -0.46
N ILE D 44 -13.77 -36.39 -1.04
CA ILE D 44 -13.04 -35.28 -0.42
C ILE D 44 -13.59 -35.00 0.99
N SER D 45 -14.91 -35.02 1.13
CA SER D 45 -15.53 -34.78 2.43
C SER D 45 -15.14 -35.82 3.47
N TYR D 46 -14.58 -36.96 3.07
CA TYR D 46 -14.06 -37.93 4.03
C TYR D 46 -12.53 -38.01 4.01
N GLY D 47 -11.86 -36.97 3.55
CA GLY D 47 -10.41 -36.89 3.61
C GLY D 47 -9.66 -37.74 2.60
N MET D 48 -10.33 -38.24 1.58
CA MET D 48 -9.69 -39.10 0.61
C MET D 48 -9.59 -38.39 -0.73
N LYS D 49 -9.08 -39.12 -1.72
CA LYS D 49 -8.93 -38.63 -3.07
C LYS D 49 -9.68 -39.56 -4.02
N ARG D 50 -10.10 -38.98 -5.14
CA ARG D 50 -10.60 -39.75 -6.25
C ARG D 50 -9.46 -40.55 -6.90
N GLU D 51 -9.70 -41.86 -7.06
CA GLU D 51 -8.66 -42.77 -7.52
C GLU D 51 -8.36 -42.54 -8.99
N LEU D 52 -7.08 -42.33 -9.30
CA LEU D 52 -6.66 -42.26 -10.69
C LEU D 52 -6.48 -43.62 -11.32
N LYS D 53 -7.40 -44.55 -11.04
CA LYS D 53 -7.43 -45.87 -11.63
C LYS D 53 -8.84 -46.19 -12.07
N GLU D 54 -8.96 -47.02 -13.11
CA GLU D 54 -10.27 -47.48 -13.58
C GLU D 54 -10.68 -48.65 -12.70
N LEU D 55 -11.49 -48.34 -11.64
CA LEU D 55 -11.99 -49.41 -10.78
C LEU D 55 -13.37 -49.85 -11.22
N PRO D 56 -13.73 -51.10 -10.99
CA PRO D 56 -15.13 -51.51 -11.20
C PRO D 56 -16.02 -50.90 -10.13
N LEU D 57 -17.29 -50.70 -10.50
CA LEU D 57 -18.22 -50.03 -9.60
C LEU D 57 -18.37 -50.82 -8.30
N GLY D 58 -18.09 -50.16 -7.17
CA GLY D 58 -18.32 -50.75 -5.87
C GLY D 58 -17.22 -51.60 -5.30
N GLU D 59 -16.09 -51.76 -6.01
CA GLU D 59 -15.06 -52.66 -5.50
C GLU D 59 -14.27 -52.03 -4.35
N LYS D 60 -13.71 -50.84 -4.56
CA LYS D 60 -12.95 -50.20 -3.52
C LYS D 60 -13.88 -49.62 -2.46
N SER D 61 -13.49 -49.75 -1.20
CA SER D 61 -14.31 -49.27 -0.10
C SER D 61 -13.41 -49.05 1.11
N VAL D 62 -13.57 -47.92 1.78
CA VAL D 62 -12.81 -47.60 2.98
C VAL D 62 -13.79 -47.14 4.06
N ASN D 63 -13.60 -47.64 5.28
CA ASN D 63 -14.45 -47.25 6.41
C ASN D 63 -13.82 -46.04 7.10
N ILE D 64 -14.44 -44.88 6.94
CA ILE D 64 -13.96 -43.63 7.52
C ILE D 64 -15.08 -43.03 8.37
N PHE D 65 -14.75 -42.71 9.62
CA PHE D 65 -15.72 -42.17 10.56
C PHE D 65 -16.98 -43.04 10.62
N ASN D 66 -16.77 -44.35 10.64
CA ASN D 66 -17.84 -45.34 10.76
C ASN D 66 -18.78 -45.33 9.57
N VAL D 67 -18.33 -44.83 8.43
CA VAL D 67 -19.11 -44.86 7.19
C VAL D 67 -18.30 -45.59 6.14
N GLU D 68 -18.92 -46.59 5.51
CA GLU D 68 -18.26 -47.33 4.44
C GLU D 68 -18.38 -46.51 3.16
N VAL D 69 -17.33 -45.75 2.83
CA VAL D 69 -17.34 -44.88 1.66
C VAL D 69 -16.70 -45.61 0.49
N PHE D 70 -17.33 -45.48 -0.68
CA PHE D 70 -16.76 -45.99 -1.92
C PHE D 70 -16.22 -44.81 -2.71
N PRO D 71 -14.90 -44.64 -2.82
CA PRO D 71 -14.36 -43.42 -3.42
C PRO D 71 -14.71 -43.29 -4.89
N ALA D 72 -14.78 -42.05 -5.34
CA ALA D 72 -14.89 -41.76 -6.77
C ALA D 72 -13.62 -42.17 -7.49
N HIS D 73 -13.75 -42.47 -8.78
CA HIS D 73 -12.60 -42.88 -9.58
C HIS D 73 -12.88 -42.56 -11.04
N ILE D 74 -11.83 -42.66 -11.86
CA ILE D 74 -11.94 -42.29 -13.26
C ILE D 74 -12.86 -43.23 -14.03
N GLY D 75 -13.02 -44.47 -13.56
CA GLY D 75 -13.98 -45.38 -14.19
C GLY D 75 -15.36 -44.77 -14.33
N LEU D 76 -15.77 -43.97 -13.34
CA LEU D 76 -17.05 -43.27 -13.40
C LEU D 76 -17.22 -42.55 -14.72
N LEU D 77 -16.17 -41.85 -15.18
CA LEU D 77 -16.25 -41.15 -16.45
C LEU D 77 -16.61 -42.10 -17.59
N LYS D 78 -15.93 -43.25 -17.64
CA LYS D 78 -16.32 -44.33 -18.54
C LYS D 78 -17.81 -44.60 -18.45
N LEU D 79 -18.30 -44.86 -17.23
CA LEU D 79 -19.72 -45.18 -17.07
C LEU D 79 -20.60 -44.00 -17.46
N GLU D 80 -20.12 -42.77 -17.31
CA GLU D 80 -20.94 -41.64 -17.71
C GLU D 80 -21.02 -41.53 -19.23
N LEU D 81 -20.07 -42.11 -19.95
CA LEU D 81 -20.04 -41.98 -21.40
C LEU D 81 -21.03 -42.95 -22.06
N ASN D 82 -20.77 -44.25 -21.95
CA ASN D 82 -21.52 -45.28 -22.66
C ASN D 82 -22.06 -46.34 -21.70
N GLY D 83 -22.31 -45.97 -20.46
CA GLY D 83 -22.72 -46.95 -19.47
C GLY D 83 -24.15 -47.40 -19.67
N ASP D 84 -24.38 -48.71 -19.60
CA ASP D 84 -25.73 -49.25 -19.64
C ASP D 84 -26.44 -48.94 -18.33
N VAL D 85 -27.64 -48.36 -18.43
CA VAL D 85 -28.40 -48.01 -17.24
C VAL D 85 -28.75 -49.27 -16.44
N GLU D 86 -29.00 -50.39 -17.12
CA GLU D 86 -29.48 -51.59 -16.45
C GLU D 86 -28.40 -52.20 -15.57
N GLU D 87 -27.23 -52.43 -16.13
CA GLU D 87 -26.22 -53.13 -15.35
C GLU D 87 -25.64 -52.23 -14.29
N ILE D 88 -25.60 -50.91 -14.52
CA ILE D 88 -25.25 -49.99 -13.44
C ILE D 88 -26.28 -50.08 -12.32
N SER D 89 -27.57 -50.13 -12.68
CA SER D 89 -28.62 -50.27 -11.69
C SER D 89 -28.51 -51.56 -10.91
N ASN D 90 -28.27 -52.66 -11.62
CA ASN D 90 -28.17 -53.97 -10.97
C ASN D 90 -26.95 -53.99 -10.04
N LYS D 91 -25.83 -53.45 -10.50
CA LYS D 91 -24.65 -53.35 -9.67
C LYS D 91 -24.94 -52.53 -8.43
N ILE D 92 -25.67 -51.42 -8.58
CA ILE D 92 -25.94 -50.58 -7.41
C ILE D 92 -26.83 -51.33 -6.41
N LYS D 93 -27.83 -52.06 -6.89
CA LYS D 93 -28.66 -52.84 -5.97
C LYS D 93 -27.83 -53.90 -5.26
N GLU D 94 -26.95 -54.57 -6.00
CA GLU D 94 -26.04 -55.53 -5.38
C GLU D 94 -25.19 -54.86 -4.31
N ILE D 95 -24.62 -53.69 -4.63
CA ILE D 95 -23.77 -52.96 -3.70
C ILE D 95 -24.55 -52.60 -2.45
N GLY D 96 -25.82 -52.22 -2.61
CA GLY D 96 -26.63 -51.81 -1.49
C GLY D 96 -27.18 -52.94 -0.64
N LYS D 97 -27.19 -54.17 -1.16
CA LYS D 97 -27.64 -55.33 -0.40
C LYS D 97 -27.20 -55.30 1.07
N GLN D 98 -25.90 -55.24 1.32
CA GLN D 98 -25.37 -55.45 2.67
C GLN D 98 -25.50 -54.24 3.59
N PHE D 99 -26.17 -53.17 3.16
CA PHE D 99 -26.26 -51.96 3.95
C PHE D 99 -27.69 -51.72 4.39
N ASP D 100 -27.85 -51.32 5.65
CA ASP D 100 -29.14 -50.83 6.09
C ASP D 100 -29.49 -49.53 5.38
N PHE D 101 -28.49 -48.69 5.11
CA PHE D 101 -28.68 -47.47 4.35
C PHE D 101 -27.49 -47.30 3.42
N LEU D 102 -27.75 -47.29 2.11
CA LEU D 102 -26.75 -46.94 1.11
C LEU D 102 -27.13 -45.58 0.55
N VAL D 103 -26.32 -44.57 0.84
CA VAL D 103 -26.56 -43.22 0.33
C VAL D 103 -25.67 -43.03 -0.89
N ILE D 104 -26.23 -42.43 -1.94
CA ILE D 104 -25.54 -42.30 -3.22
C ILE D 104 -25.42 -40.84 -3.59
N ASP D 105 -24.18 -40.36 -3.73
CA ASP D 105 -23.93 -39.03 -4.25
C ASP D 105 -23.78 -39.07 -5.76
N THR D 106 -24.42 -38.13 -6.44
CA THR D 106 -24.53 -38.12 -7.89
C THR D 106 -23.87 -36.89 -8.49
N PRO D 107 -23.47 -36.95 -9.76
CA PRO D 107 -22.89 -35.77 -10.44
C PRO D 107 -23.94 -34.71 -10.68
N PRO D 108 -23.53 -33.45 -10.90
CA PRO D 108 -24.52 -32.38 -11.13
C PRO D 108 -25.19 -32.45 -12.49
N ASN D 109 -25.89 -33.53 -12.75
CA ASN D 109 -26.64 -33.71 -13.99
C ASN D 109 -27.68 -34.80 -13.78
N LEU D 110 -28.52 -35.00 -14.78
CA LEU D 110 -29.47 -36.10 -14.82
C LEU D 110 -29.08 -37.10 -15.92
N GLY D 111 -27.80 -37.42 -15.98
CA GLY D 111 -27.26 -38.35 -16.95
C GLY D 111 -27.33 -39.81 -16.50
N THR D 112 -26.40 -40.61 -17.02
CA THR D 112 -26.50 -42.06 -16.86
C THR D 112 -26.40 -42.48 -15.39
N LEU D 113 -25.30 -42.10 -14.73
CA LEU D 113 -25.15 -42.49 -13.33
C LEU D 113 -26.30 -41.97 -12.48
N ALA D 114 -26.76 -40.75 -12.77
CA ALA D 114 -27.89 -40.17 -12.05
C ALA D 114 -29.16 -40.94 -12.33
N ILE D 115 -29.42 -41.23 -13.61
CA ILE D 115 -30.67 -41.90 -13.96
C ILE D 115 -30.71 -43.29 -13.35
N SER D 116 -29.56 -43.95 -13.25
CA SER D 116 -29.50 -45.29 -12.67
C SER D 116 -29.69 -45.25 -11.17
N ALA D 117 -28.98 -44.36 -10.48
CA ALA D 117 -29.18 -44.18 -9.05
C ALA D 117 -30.63 -43.81 -8.73
N MET D 118 -31.30 -43.09 -9.62
CA MET D 118 -32.72 -42.78 -9.40
C MET D 118 -33.61 -43.99 -9.64
N LEU D 119 -33.32 -44.76 -10.69
CA LEU D 119 -34.14 -45.92 -11.00
C LEU D 119 -34.11 -46.94 -9.87
N VAL D 120 -32.95 -47.16 -9.24
CA VAL D 120 -32.89 -48.14 -8.16
C VAL D 120 -33.24 -47.59 -6.78
N ALA D 121 -33.24 -46.27 -6.61
CA ALA D 121 -33.30 -45.68 -5.28
C ALA D 121 -34.58 -46.07 -4.56
N ASP D 122 -34.44 -46.40 -3.27
CA ASP D 122 -35.63 -46.54 -2.43
C ASP D 122 -36.27 -45.19 -2.19
N ARG D 123 -35.48 -44.18 -1.83
CA ARG D 123 -35.93 -42.80 -1.85
C ARG D 123 -34.96 -41.92 -2.62
N ILE D 124 -35.50 -40.79 -3.08
CA ILE D 124 -34.73 -39.76 -3.77
C ILE D 124 -34.90 -38.45 -2.99
N VAL D 125 -33.80 -37.79 -2.71
CA VAL D 125 -33.77 -36.57 -1.92
C VAL D 125 -33.14 -35.46 -2.75
N SER D 126 -33.84 -34.33 -2.87
CA SER D 126 -33.34 -33.21 -3.65
C SER D 126 -33.26 -31.95 -2.80
N PRO D 127 -32.07 -31.39 -2.64
CA PRO D 127 -31.95 -30.06 -2.04
C PRO D 127 -32.37 -28.98 -3.04
N VAL D 128 -32.88 -27.88 -2.48
CA VAL D 128 -33.26 -26.70 -3.25
C VAL D 128 -32.83 -25.48 -2.45
N THR D 129 -32.65 -24.37 -3.15
CA THR D 129 -32.28 -23.11 -2.54
C THR D 129 -33.14 -22.02 -3.14
N PRO D 130 -33.22 -20.85 -2.48
CA PRO D 130 -33.95 -19.72 -3.08
C PRO D 130 -33.33 -19.20 -4.37
N GLN D 131 -32.22 -19.75 -4.82
CA GLN D 131 -31.63 -19.34 -6.09
C GLN D 131 -32.59 -19.67 -7.23
N PRO D 132 -32.83 -18.73 -8.15
CA PRO D 132 -33.77 -19.03 -9.26
C PRO D 132 -33.40 -20.28 -10.04
N LEU D 133 -32.12 -20.46 -10.35
CA LEU D 133 -31.71 -21.60 -11.15
C LEU D 133 -31.95 -22.92 -10.43
N ALA D 134 -31.92 -22.89 -9.09
CA ALA D 134 -32.23 -24.11 -8.33
C ALA D 134 -33.72 -24.45 -8.41
N LEU D 135 -34.59 -23.44 -8.41
CA LEU D 135 -36.01 -23.69 -8.64
C LEU D 135 -36.25 -24.25 -10.03
N GLU D 136 -35.58 -23.69 -11.04
CA GLU D 136 -35.68 -24.28 -12.38
C GLU D 136 -35.20 -25.72 -12.37
N ALA D 137 -34.13 -26.01 -11.63
CA ALA D 137 -33.60 -27.37 -11.58
C ALA D 137 -34.61 -28.33 -10.97
N ILE D 138 -35.28 -27.93 -9.89
CA ILE D 138 -36.21 -28.85 -9.26
C ILE D 138 -37.44 -29.05 -10.15
N LYS D 139 -37.83 -28.04 -10.93
CA LYS D 139 -38.90 -28.26 -11.90
C LYS D 139 -38.47 -29.26 -12.98
N ASN D 140 -37.25 -29.12 -13.50
CA ASN D 140 -36.71 -30.12 -14.43
C ASN D 140 -36.73 -31.52 -13.80
N LEU D 141 -36.39 -31.60 -12.52
CA LEU D 141 -36.36 -32.90 -11.85
C LEU D 141 -37.75 -33.50 -11.77
N ASP D 142 -38.77 -32.67 -11.51
CA ASP D 142 -40.13 -33.19 -11.58
C ASP D 142 -40.42 -33.73 -12.97
N SER D 143 -39.94 -33.05 -14.01
CA SER D 143 -40.11 -33.57 -15.37
C SER D 143 -39.51 -34.98 -15.52
N ARG D 144 -38.25 -35.14 -15.15
CA ARG D 144 -37.61 -36.45 -15.31
C ARG D 144 -38.27 -37.51 -14.43
N LEU D 145 -38.68 -37.13 -13.22
CA LEU D 145 -39.36 -38.07 -12.34
C LEU D 145 -40.66 -38.56 -12.96
N LYS D 146 -41.46 -37.66 -13.54
CA LYS D 146 -42.64 -38.12 -14.27
C LYS D 146 -42.24 -39.01 -15.44
N SER D 147 -41.09 -38.74 -16.07
CA SER D 147 -40.70 -39.56 -17.20
C SER D 147 -40.38 -40.98 -16.77
N ILE D 148 -39.86 -41.18 -15.56
CA ILE D 148 -39.54 -42.51 -15.07
C ILE D 148 -40.47 -42.97 -13.95
N GLY D 149 -41.44 -42.15 -13.55
CA GLY D 149 -42.42 -42.55 -12.55
C GLY D 149 -41.89 -42.78 -11.16
N LYS D 150 -41.02 -41.91 -10.68
CA LYS D 150 -40.49 -41.98 -9.34
C LYS D 150 -40.78 -40.67 -8.60
N ASN D 151 -40.53 -40.69 -7.29
CA ASN D 151 -40.85 -39.57 -6.42
C ASN D 151 -39.58 -39.07 -5.73
N ALA D 152 -39.65 -37.86 -5.19
CA ALA D 152 -38.52 -37.30 -4.48
C ALA D 152 -39.03 -36.40 -3.36
N TYR D 153 -38.24 -36.31 -2.30
CA TYR D 153 -38.48 -35.40 -1.20
C TYR D 153 -37.53 -34.22 -1.35
N SER D 154 -38.07 -33.01 -1.30
CA SER D 154 -37.27 -31.82 -1.44
C SER D 154 -37.08 -31.17 -0.08
N PHE D 155 -35.93 -30.51 0.09
CA PHE D 155 -35.74 -29.71 1.29
C PHE D 155 -34.81 -28.55 0.99
N THR D 156 -34.84 -27.55 1.86
CA THR D 156 -34.17 -26.27 1.65
C THR D 156 -32.80 -26.24 2.32
N ASN D 157 -31.78 -25.85 1.56
CA ASN D 157 -30.45 -25.55 2.06
C ASN D 157 -30.15 -24.07 1.84
N PHE D 158 -29.09 -23.60 2.48
CA PHE D 158 -28.60 -22.23 2.38
C PHE D 158 -29.66 -21.20 2.74
N SER D 159 -30.78 -21.62 3.32
CA SER D 159 -31.86 -20.71 3.59
C SER D 159 -32.55 -21.10 4.89
N LYS D 160 -33.53 -20.29 5.22
CA LYS D 160 -34.07 -20.16 6.54
C LYS D 160 -35.58 -20.05 6.47
N LYS D 161 -36.12 -19.81 5.28
CA LYS D 161 -37.54 -19.87 4.95
C LYS D 161 -37.72 -21.01 3.96
N VAL D 162 -38.57 -21.97 4.31
CA VAL D 162 -38.74 -23.17 3.49
C VAL D 162 -39.23 -22.79 2.09
N VAL D 163 -38.72 -23.48 1.07
CA VAL D 163 -39.00 -23.18 -0.32
C VAL D 163 -39.96 -24.24 -0.86
N LYS D 164 -41.00 -23.81 -1.57
CA LYS D 164 -42.10 -24.70 -1.93
C LYS D 164 -42.76 -24.22 -3.20
N LEU D 165 -43.10 -25.16 -4.08
CA LEU D 165 -43.72 -24.88 -5.37
C LEU D 165 -45.04 -25.61 -5.56
N ASP D 166 -45.12 -26.88 -5.14
CA ASP D 166 -46.31 -27.69 -4.86
C ASP D 166 -47.20 -27.89 -6.08
N ASN D 167 -46.77 -27.36 -7.22
CA ASN D 167 -47.34 -27.70 -8.52
C ASN D 167 -46.59 -28.85 -9.19
N LEU D 168 -45.56 -29.36 -8.52
CA LEU D 168 -44.78 -30.49 -8.99
C LEU D 168 -45.22 -31.72 -8.20
N SER D 169 -46.16 -32.48 -8.77
CA SER D 169 -46.82 -33.55 -8.03
C SER D 169 -45.89 -34.73 -7.75
N SER D 170 -44.69 -34.77 -8.32
CA SER D 170 -43.74 -35.86 -8.07
C SER D 170 -42.66 -35.48 -7.08
N VAL D 171 -42.60 -34.23 -6.65
CA VAL D 171 -41.66 -33.78 -5.63
C VAL D 171 -42.49 -33.18 -4.51
N LYS D 172 -42.46 -33.80 -3.35
CA LYS D 172 -43.14 -33.25 -2.18
C LYS D 172 -42.16 -32.41 -1.37
N PHE D 173 -42.62 -31.25 -0.93
CA PHE D 173 -41.77 -30.25 -0.29
C PHE D 173 -41.95 -30.36 1.23
N THR D 174 -40.91 -30.84 1.91
CA THR D 174 -40.95 -31.00 3.35
C THR D 174 -40.70 -29.66 4.04
N GLU D 175 -40.82 -29.68 5.36
CA GLU D 175 -40.59 -28.50 6.19
C GLU D 175 -39.14 -28.31 6.58
N ILE D 176 -38.27 -29.25 6.24
CA ILE D 176 -36.87 -29.19 6.69
C ILE D 176 -36.14 -28.08 5.94
N THR D 177 -35.55 -27.15 6.69
CA THR D 177 -34.75 -26.09 6.11
C THR D 177 -33.46 -25.94 6.91
N ILE D 178 -32.34 -25.89 6.20
CA ILE D 178 -31.01 -25.84 6.81
C ILE D 178 -30.45 -24.43 6.57
N PRO D 179 -30.25 -23.63 7.61
CA PRO D 179 -29.82 -22.25 7.42
C PRO D 179 -28.34 -22.20 7.09
N PRO D 180 -27.86 -21.05 6.60
CA PRO D 180 -26.41 -20.87 6.49
C PRO D 180 -25.74 -21.09 7.84
N SER D 181 -24.63 -21.81 7.82
CA SER D 181 -23.87 -22.10 9.03
C SER D 181 -22.45 -22.38 8.61
N ARG D 182 -21.48 -21.70 9.20
CA ARG D 182 -20.13 -21.90 8.70
C ARG D 182 -19.40 -23.00 9.46
N LEU D 183 -20.12 -23.73 10.32
CA LEU D 183 -19.69 -25.08 10.70
C LEU D 183 -19.49 -25.94 9.47
N PHE D 184 -20.38 -25.80 8.48
CA PHE D 184 -20.26 -26.53 7.22
C PHE D 184 -18.96 -26.18 6.50
N ILE D 185 -18.68 -24.88 6.36
CA ILE D 185 -17.48 -24.44 5.66
C ILE D 185 -16.24 -24.90 6.39
N GLU D 186 -16.24 -24.81 7.73
CA GLU D 186 -15.07 -25.25 8.48
C GLU D 186 -14.84 -26.75 8.33
N ALA D 187 -15.90 -27.55 8.44
CA ALA D 187 -15.76 -28.99 8.33
C ALA D 187 -15.33 -29.41 6.93
N SER D 188 -15.81 -28.70 5.90
CA SER D 188 -15.39 -29.03 4.54
C SER D 188 -13.94 -28.63 4.31
N ARG D 189 -13.53 -27.46 4.83
CA ARG D 189 -12.12 -27.12 4.84
C ARG D 189 -11.31 -28.14 5.62
N LEU D 190 -11.94 -28.88 6.53
CA LEU D 190 -11.20 -29.78 7.39
C LEU D 190 -11.08 -31.17 6.77
N GLY D 191 -12.10 -31.60 6.03
CA GLY D 191 -12.11 -32.89 5.39
C GLY D 191 -12.97 -33.95 6.03
N VAL D 192 -13.93 -33.57 6.88
CA VAL D 192 -14.72 -34.51 7.67
C VAL D 192 -16.20 -34.16 7.54
N PRO D 193 -17.08 -35.09 7.91
CA PRO D 193 -18.51 -34.75 7.95
C PRO D 193 -18.79 -33.65 8.97
N ALA D 194 -19.74 -32.77 8.63
CA ALA D 194 -20.02 -31.62 9.48
C ALA D 194 -20.63 -32.04 10.81
N LEU D 195 -21.43 -33.11 10.84
CA LEU D 195 -22.00 -33.56 12.11
C LEU D 195 -20.89 -33.98 13.07
N ARG D 196 -19.90 -34.72 12.57
CA ARG D 196 -18.83 -35.17 13.45
C ARG D 196 -18.00 -33.98 13.95
N TYR D 197 -17.74 -33.02 13.06
CA TYR D 197 -17.04 -31.80 13.47
C TYR D 197 -17.81 -31.07 14.57
N GLU D 198 -19.12 -30.91 14.37
CA GLU D 198 -19.99 -30.36 15.39
C GLU D 198 -19.86 -31.07 16.73
N GLU D 199 -19.75 -32.40 16.70
CA GLU D 199 -19.67 -33.17 17.95
C GLU D 199 -18.54 -32.68 18.84
N VAL D 200 -17.53 -32.03 18.27
CA VAL D 200 -16.38 -31.58 19.02
C VAL D 200 -16.35 -30.06 19.18
N ARG D 201 -16.75 -29.32 18.14
CA ARG D 201 -16.61 -27.86 18.23
C ARG D 201 -17.58 -27.28 19.26
N ILE D 202 -18.87 -27.39 19.02
CA ILE D 202 -19.86 -26.74 19.88
C ILE D 202 -20.37 -27.73 20.91
N LYS D 203 -20.58 -27.23 22.14
CA LYS D 203 -20.97 -28.08 23.26
C LYS D 203 -22.40 -28.59 23.11
N LYS D 204 -23.26 -27.84 22.42
CA LYS D 204 -24.62 -28.23 22.07
C LYS D 204 -24.66 -28.64 20.60
N PRO D 205 -25.16 -29.83 20.27
CA PRO D 205 -25.26 -30.20 18.85
C PRO D 205 -26.42 -29.48 18.18
N LYS D 206 -26.15 -28.98 16.98
CA LYS D 206 -27.12 -28.23 16.19
C LYS D 206 -27.46 -28.89 14.87
N LEU D 207 -26.45 -29.28 14.09
CA LEU D 207 -26.71 -29.63 12.70
C LEU D 207 -27.46 -30.96 12.60
N ALA D 208 -27.36 -31.80 13.63
CA ALA D 208 -27.90 -33.15 13.57
C ALA D 208 -29.42 -33.18 13.52
N ASN D 209 -30.08 -32.12 13.99
CA ASN D 209 -31.54 -32.12 14.02
C ASN D 209 -32.11 -32.16 12.61
N TYR D 210 -31.53 -31.40 11.69
CA TYR D 210 -32.01 -31.39 10.31
C TYR D 210 -31.97 -32.78 9.70
N TYR D 211 -30.88 -33.52 9.93
CA TYR D 211 -30.75 -34.84 9.33
C TYR D 211 -31.57 -35.88 10.07
N GLN D 212 -31.84 -35.68 11.37
CA GLN D 212 -32.79 -36.55 12.05
C GLN D 212 -34.18 -36.39 11.45
N GLN D 213 -34.61 -35.15 11.26
CA GLN D 213 -35.90 -34.89 10.63
C GLN D 213 -35.94 -35.46 9.22
N LEU D 214 -34.83 -35.36 8.49
CA LEU D 214 -34.79 -35.87 7.12
C LEU D 214 -34.86 -37.39 7.07
N ALA D 215 -34.09 -38.07 7.93
CA ALA D 215 -34.22 -39.52 8.05
C ALA D 215 -35.66 -39.91 8.38
N LYS D 216 -36.30 -39.19 9.31
CA LYS D 216 -37.66 -39.54 9.70
C LYS D 216 -38.63 -39.35 8.55
N VAL D 217 -38.50 -38.24 7.81
CA VAL D 217 -39.46 -37.98 6.74
C VAL D 217 -39.27 -38.95 5.59
N ILE D 218 -38.03 -39.43 5.36
CA ILE D 218 -37.85 -40.38 4.26
C ILE D 218 -38.27 -41.80 4.67
N SER D 219 -38.08 -42.18 5.93
CA SER D 219 -38.37 -43.56 6.32
C SER D 219 -39.86 -43.78 6.54
N GLU D 220 -40.49 -42.98 7.40
CA GLU D 220 -41.88 -43.18 7.76
C GLU D 220 -42.82 -42.66 6.66
PB ADP I . -22.76 20.25 8.10
O1B ADP I . -21.93 21.19 8.93
O2B ADP I . -23.07 20.74 6.70
O3B ADP I . -23.92 19.66 8.85
PA ADP I . -20.19 19.05 7.90
O1A ADP I . -19.80 19.37 9.32
O2A ADP I . -19.64 19.86 6.76
O3A ADP I . -21.80 18.98 7.83
O5' ADP I . -19.85 17.49 7.61
C5' ADP I . -20.08 16.51 8.61
C4' ADP I . -19.05 15.41 8.44
O4' ADP I . -19.06 14.94 7.09
C3' ADP I . -17.66 15.97 8.70
O3' ADP I . -17.03 15.18 9.72
C2' ADP I . -16.89 15.83 7.40
O2' ADP I . -15.58 15.34 7.67
C1' ADP I . -17.71 14.83 6.62
N9 ADP I . -17.67 15.08 5.16
C8 ADP I . -17.98 16.22 4.52
N7 ADP I . -17.82 16.10 3.18
C5 ADP I . -17.41 14.84 2.94
C6 ADP I . -17.06 14.03 1.75
N6 ADP I . -17.12 14.56 0.50
N1 ADP I . -16.67 12.76 1.94
C2 ADP I . -16.60 12.22 3.17
N3 ADP I . -16.90 12.88 4.29
C4 ADP I . -17.30 14.18 4.25
MG MG J . -21.38 21.64 11.49
PB ADP K . 31.90 -15.44 -20.88
O1B ADP K . 33.39 -15.36 -20.67
O2B ADP K . 31.49 -15.74 -22.31
O3B ADP K . 31.16 -16.26 -19.86
PA ADP K . 30.10 -13.36 -21.45
O1A ADP K . 29.18 -14.52 -21.74
O2A ADP K . 30.59 -12.46 -22.55
O3A ADP K . 31.38 -13.94 -20.65
O5' ADP K . 29.44 -12.45 -20.31
C5' ADP K . 28.30 -12.91 -19.59
C4' ADP K . 27.39 -11.73 -19.30
O4' ADP K . 28.17 -10.65 -18.80
C3' ADP K . 26.73 -11.26 -20.58
O3' ADP K . 25.31 -11.30 -20.42
C2' ADP K . 27.21 -9.83 -20.79
O2' ADP K . 26.13 -8.97 -21.16
C1' ADP K . 27.79 -9.44 -19.44
N9 ADP K . 28.97 -8.54 -19.57
C8 ADP K . 30.15 -8.86 -20.13
N7 ADP K . 31.00 -7.80 -20.07
C5 ADP K . 30.35 -6.79 -19.47
C6 ADP K . 30.68 -5.40 -19.08
N6 ADP K . 31.88 -4.85 -19.36
N1 ADP K . 29.71 -4.68 -18.47
C2 ADP K . 28.50 -5.20 -18.20
N3 ADP K . 28.15 -6.46 -18.51
C4 ADP K . 29.01 -7.28 -19.14
MG MG L . 31.06 -17.67 -23.19
PB ADP M . 14.77 24.75 17.91
O1B ADP M . 15.55 24.26 19.12
O2B ADP M . 13.42 25.30 18.25
O3B ADP M . 15.55 25.63 16.96
PA ADP M . 13.09 23.16 16.30
O1A ADP M . 12.22 22.25 17.13
O2A ADP M . 12.57 24.50 15.82
O3A ADP M . 14.49 23.40 17.08
O5' ADP M . 13.62 22.35 15.00
C5' ADP M . 13.70 23.00 13.73
C4' ADP M . 13.38 21.98 12.65
O4' ADP M . 13.96 20.72 12.99
C3' ADP M . 11.87 21.78 12.55
O3' ADP M . 11.42 22.04 11.22
C2' ADP M . 11.64 20.32 12.90
O2' ADP M . 10.69 19.72 12.02
C1' ADP M . 13.00 19.68 12.74
N9 ADP M . 13.15 18.57 13.71
C8 ADP M . 13.18 18.66 15.05
N7 ADP M . 13.32 17.42 15.61
C5 ADP M . 13.38 16.53 14.61
C6 ADP M . 13.53 15.06 14.49
N6 ADP M . 13.65 14.28 15.59
N1 ADP M . 13.54 14.53 13.26
C2 ADP M . 13.43 15.28 12.15
N3 ADP M . 13.30 16.62 12.18
C4 ADP M . 13.27 17.29 13.36
MG MG N . 12.66 27.47 18.51
PB ADP O . -22.79 -29.69 -4.50
O1B ADP O . -22.43 -31.11 -4.10
O2B ADP O . -24.19 -29.55 -5.05
O3B ADP O . -21.73 -28.98 -5.29
PA ADP O . -21.72 -29.02 -1.97
O1A ADP O . -20.44 -29.41 -2.65
O2A ADP O . -22.28 -29.81 -0.79
O3A ADP O . -22.86 -28.88 -3.10
O5' ADP O . -21.55 -27.49 -1.51
C5' ADP O . -20.39 -26.77 -1.90
C4' ADP O . -19.91 -25.92 -0.75
O4' ADP O . -21.03 -25.32 -0.09
C3' ADP O . -19.19 -26.77 0.28
O3' ADP O . -17.83 -26.35 0.38
C2' ADP O . -19.91 -26.54 1.59
O2' ADP O . -18.98 -26.23 2.62
C1' ADP O . -20.83 -25.37 1.32
N9 ADP O . -22.13 -25.51 2.03
C8 ADP O . -23.01 -26.52 1.91
N7 ADP O . -24.09 -26.33 2.71
C5 ADP O . -23.90 -25.16 3.36
C6 ADP O . -24.66 -24.35 4.35
N6 ADP O . -25.85 -24.76 4.82
N1 ADP O . -24.11 -23.19 4.78
C2 ADP O . -22.91 -22.76 4.31
N3 ADP O . -22.18 -23.44 3.42
C4 ADP O . -22.61 -24.63 2.91
MG MG P . -20.91 -32.50 -5.95
#